data_5X9H
#
_entry.id   5X9H
#
_cell.length_a   135.330
_cell.length_b   85.651
_cell.length_c   156.558
_cell.angle_alpha   90.00
_cell.angle_beta   100.02
_cell.angle_gamma   90.00
#
_symmetry.space_group_name_H-M   'C 1 2 1'
#
loop_
_entity.id
_entity.type
_entity.pdbx_description
1 polymer 'Magnesium transporter MgtE'
2 non-polymer "ADENOSINE-5'-TRIPHOSPHATE"
3 non-polymer 'MAGNESIUM ION'
#
_entity_poly.entity_id   1
_entity_poly.type   'polypeptide(L)'
_entity_poly.pdbx_seq_one_letter_code
;MGSSHHHHHHSSGLGVLPGGPLHMEEKLAVSLQEALQEGDTRALREVLEEIHPQDLLALWDELKGEHRYVVLTLLPKAKA
AEVLSHLSPEEQAEYLKTLPPWRLREILEELSLDDLADALQAVRKEDPAYFQRLKDLLDPRTRAEVEALARYEEDEAGGL
MTPEYVAVREGMTVEEVLRFLRRAAPDAETIYYIYVVDEKGRLKGVLSLRDLIVADPRTRVAEIMNPKVVYVRTDTDQEE
VARLMADYDFTVLPVVDEEGRLVGIVTVDDVLDVLEAEATEDIHKLGAVDVPDLVYSEAGPVALWLARVRWLVILILTGM
VTSSILQGFESVLEAVTALAFYVPVLLGTGGNTGNQSATLIIRALATRDLDLRDWRRVFLKEMGVGLLLGLTLSFLLVGK
VYWDGHPLLLPVVGVSLVLIVFFANLVGAMLPFLLRRLGVDPALVSNPLVATLSDVTGLLIYLSVARLLLEAV
;
_entity_poly.pdbx_strand_id   A,B
#
loop_
_chem_comp.id
_chem_comp.type
_chem_comp.name
_chem_comp.formula
ATP non-polymer ADENOSINE-5'-TRIPHOSPHATE 'C10 H16 N5 O13 P3'
MG non-polymer 'MAGNESIUM ION' 'Mg 2'
#
# COMPACT_ATOMS: atom_id res chain seq x y z
N GLU A 46 -14.91 -35.13 -15.93
CA GLU A 46 -15.13 -34.13 -16.96
C GLU A 46 -14.42 -32.82 -16.61
N VAL A 47 -15.12 -31.97 -15.85
CA VAL A 47 -14.65 -30.62 -15.52
C VAL A 47 -13.77 -30.59 -14.26
N LEU A 48 -13.83 -31.67 -13.49
CA LEU A 48 -13.00 -31.84 -12.31
C LEU A 48 -11.52 -31.65 -12.65
N GLU A 49 -11.12 -32.15 -13.82
CA GLU A 49 -9.76 -31.98 -14.32
C GLU A 49 -9.56 -30.61 -14.98
N GLU A 50 -10.67 -29.95 -15.31
CA GLU A 50 -10.62 -28.72 -16.10
C GLU A 50 -10.37 -27.50 -15.24
N ILE A 51 -11.19 -27.33 -14.20
CA ILE A 51 -11.28 -26.06 -13.43
C ILE A 51 -10.02 -25.64 -12.67
N HIS A 52 -9.81 -24.33 -12.59
CA HIS A 52 -8.64 -23.79 -11.92
C HIS A 52 -9.00 -23.31 -10.52
N PRO A 53 -8.23 -23.60 -9.51
CA PRO A 53 -8.82 -23.49 -8.19
C PRO A 53 -9.38 -22.10 -8.02
N GLN A 54 -8.67 -21.08 -8.49
CA GLN A 54 -9.11 -19.72 -8.17
C GLN A 54 -10.46 -19.30 -8.74
N ASP A 55 -11.02 -20.12 -9.63
CA ASP A 55 -12.40 -19.91 -10.03
C ASP A 55 -13.26 -20.27 -8.83
N LEU A 56 -12.90 -21.38 -8.18
CA LEU A 56 -13.51 -21.80 -6.93
C LEU A 56 -13.18 -20.82 -5.81
N LEU A 57 -12.03 -20.16 -5.91
CA LEU A 57 -11.69 -19.15 -4.92
C LEU A 57 -12.56 -17.91 -5.09
N ALA A 58 -12.83 -17.52 -6.34
CA ALA A 58 -13.73 -16.40 -6.61
C ALA A 58 -15.14 -16.72 -6.14
N LEU A 59 -15.68 -17.84 -6.61
CA LEU A 59 -17.02 -18.26 -6.18
C LEU A 59 -17.08 -18.60 -4.68
N TRP A 60 -15.94 -18.62 -3.99
CA TRP A 60 -15.92 -19.01 -2.57
C TRP A 60 -16.67 -18.03 -1.67
N ASP A 61 -16.65 -16.76 -2.03
CA ASP A 61 -17.28 -15.73 -1.21
C ASP A 61 -18.80 -15.74 -1.38
N GLU A 62 -19.29 -16.54 -2.32
CA GLU A 62 -20.71 -16.55 -2.67
C GLU A 62 -21.33 -17.95 -2.72
N LEU A 63 -20.89 -18.85 -1.83
CA LEU A 63 -21.34 -20.23 -1.84
C LEU A 63 -21.66 -20.76 -0.44
N LYS A 64 -22.68 -21.62 -0.35
CA LYS A 64 -23.14 -22.16 0.93
C LYS A 64 -22.13 -23.14 1.55
N GLY A 65 -22.12 -23.22 2.88
CA GLY A 65 -21.20 -24.08 3.60
C GLY A 65 -21.15 -25.54 3.16
N GLU A 66 -22.32 -26.17 3.04
CA GLU A 66 -22.38 -27.57 2.62
C GLU A 66 -21.59 -27.77 1.33
N HIS A 67 -22.07 -27.15 0.24
CA HIS A 67 -21.48 -27.32 -1.07
C HIS A 67 -20.00 -26.97 -1.05
N ARG A 68 -19.62 -26.00 -0.25
CA ARG A 68 -18.21 -25.66 -0.06
C ARG A 68 -17.42 -26.87 0.39
N TYR A 69 -17.86 -27.42 1.53
CA TYR A 69 -17.27 -28.62 2.10
C TYR A 69 -17.09 -29.70 1.03
N VAL A 70 -18.18 -29.94 0.30
CA VAL A 70 -18.20 -30.89 -0.81
C VAL A 70 -17.09 -30.60 -1.84
N VAL A 71 -16.91 -29.32 -2.18
CA VAL A 71 -15.90 -28.90 -3.16
C VAL A 71 -14.48 -29.08 -2.63
N LEU A 72 -14.31 -29.02 -1.31
CA LEU A 72 -13.00 -29.35 -0.77
C LEU A 72 -12.75 -30.86 -0.89
N THR A 73 -13.78 -31.68 -0.66
CA THR A 73 -13.59 -33.14 -0.67
C THR A 73 -13.44 -33.81 -2.06
N LEU A 74 -14.07 -33.25 -3.08
CA LEU A 74 -14.09 -33.92 -4.39
C LEU A 74 -12.89 -33.65 -5.30
N LEU A 75 -12.45 -32.39 -5.34
CA LEU A 75 -11.33 -31.94 -6.19
C LEU A 75 -10.14 -32.87 -6.20
N PRO A 76 -9.32 -32.81 -7.27
CA PRO A 76 -8.02 -33.49 -7.21
C PRO A 76 -7.27 -33.00 -5.99
N LYS A 77 -6.44 -33.85 -5.38
CA LYS A 77 -5.72 -33.49 -4.16
C LYS A 77 -5.09 -32.07 -4.22
N ALA A 78 -4.25 -31.84 -5.23
CA ALA A 78 -3.54 -30.58 -5.34
C ALA A 78 -4.44 -29.36 -5.46
N LYS A 79 -5.52 -29.44 -6.23
CA LYS A 79 -6.34 -28.25 -6.46
C LYS A 79 -7.09 -27.83 -5.19
N ALA A 80 -7.58 -28.82 -4.43
CA ALA A 80 -8.17 -28.55 -3.12
C ALA A 80 -7.12 -27.90 -2.23
N ALA A 81 -5.91 -28.47 -2.24
CA ALA A 81 -4.80 -27.95 -1.45
C ALA A 81 -4.50 -26.48 -1.72
N GLU A 82 -4.46 -26.09 -2.98
CA GLU A 82 -4.22 -24.67 -3.26
C GLU A 82 -5.45 -23.80 -2.92
N VAL A 83 -6.66 -24.34 -3.06
CA VAL A 83 -7.84 -23.55 -2.67
C VAL A 83 -7.82 -23.25 -1.17
N LEU A 84 -7.45 -24.25 -0.35
CA LEU A 84 -7.26 -24.08 1.08
C LEU A 84 -6.09 -23.14 1.35
N SER A 85 -5.11 -23.12 0.45
CA SER A 85 -3.91 -22.31 0.62
C SER A 85 -4.15 -20.81 0.63
N HIS A 86 -5.06 -20.34 -0.21
CA HIS A 86 -5.36 -18.91 -0.27
C HIS A 86 -6.63 -18.56 0.48
N LEU A 87 -6.75 -19.08 1.69
CA LEU A 87 -7.90 -18.81 2.51
C LEU A 87 -7.50 -18.10 3.80
N SER A 88 -8.49 -17.64 4.55
CA SER A 88 -8.29 -17.01 5.84
C SER A 88 -7.93 -18.03 6.90
N PRO A 89 -6.93 -17.71 7.74
CA PRO A 89 -6.49 -18.58 8.84
C PRO A 89 -7.64 -19.02 9.75
N GLU A 90 -8.64 -18.17 9.95
CA GLU A 90 -9.81 -18.57 10.73
C GLU A 90 -10.56 -19.70 9.99
N GLU A 91 -10.83 -19.48 8.70
CA GLU A 91 -11.47 -20.48 7.85
C GLU A 91 -10.60 -21.72 7.73
N GLN A 92 -9.33 -21.52 7.42
CA GLN A 92 -8.37 -22.62 7.37
C GLN A 92 -8.49 -23.51 8.59
N ALA A 93 -8.37 -22.91 9.77
CA ALA A 93 -8.49 -23.68 10.99
C ALA A 93 -9.81 -24.44 11.00
N GLU A 94 -10.90 -23.74 10.67
CA GLU A 94 -12.24 -24.33 10.70
C GLU A 94 -12.34 -25.60 9.86
N TYR A 95 -11.82 -25.54 8.63
CA TYR A 95 -11.88 -26.69 7.73
C TYR A 95 -10.93 -27.80 8.14
N LEU A 96 -9.69 -27.46 8.52
CA LEU A 96 -8.77 -28.49 9.01
C LEU A 96 -9.32 -29.19 10.24
N LYS A 97 -10.32 -28.57 10.87
CA LYS A 97 -11.09 -29.19 11.95
C LYS A 97 -12.25 -30.05 11.41
N THR A 98 -12.95 -29.53 10.40
CA THR A 98 -14.17 -30.17 9.87
C THR A 98 -13.91 -31.41 9.00
N LEU A 99 -12.91 -31.32 8.13
CA LEU A 99 -12.64 -32.34 7.11
C LEU A 99 -12.23 -33.70 7.69
N PRO A 100 -12.41 -34.79 6.90
CA PRO A 100 -11.99 -36.15 7.27
C PRO A 100 -10.47 -36.33 7.28
N PRO A 101 -9.95 -37.13 8.22
CA PRO A 101 -8.50 -37.33 8.41
C PRO A 101 -7.76 -37.92 7.21
N TRP A 102 -8.45 -38.57 6.29
CA TRP A 102 -7.80 -39.07 5.07
C TRP A 102 -7.52 -37.90 4.12
N ARG A 103 -8.52 -37.04 3.91
CA ARG A 103 -8.36 -35.84 3.11
C ARG A 103 -7.42 -34.89 3.83
N LEU A 104 -7.42 -34.94 5.15
CA LEU A 104 -6.48 -34.17 5.96
C LEU A 104 -5.07 -34.60 5.60
N ARG A 105 -4.85 -35.91 5.60
CA ARG A 105 -3.56 -36.48 5.19
C ARG A 105 -3.19 -35.99 3.80
N GLU A 106 -4.15 -36.03 2.89
CA GLU A 106 -3.86 -35.70 1.50
C GLU A 106 -3.47 -34.23 1.32
N ILE A 107 -4.26 -33.34 1.90
CA ILE A 107 -3.96 -31.93 1.83
C ILE A 107 -2.64 -31.59 2.52
N LEU A 108 -2.53 -31.89 3.83
CA LEU A 108 -1.28 -31.68 4.57
C LEU A 108 -0.03 -32.16 3.82
N GLU A 109 -0.14 -33.32 3.17
CA GLU A 109 0.97 -33.84 2.38
C GLU A 109 1.26 -32.97 1.15
N GLU A 110 0.22 -32.52 0.46
CA GLU A 110 0.40 -31.79 -0.80
C GLU A 110 0.25 -30.26 -0.67
N LEU A 111 0.92 -29.70 0.33
CA LEU A 111 0.86 -28.26 0.64
C LEU A 111 2.30 -27.82 0.84
N SER A 112 2.71 -26.70 0.23
CA SER A 112 4.11 -26.28 0.34
C SER A 112 4.41 -26.01 1.80
N LEU A 113 5.66 -26.22 2.23
CA LEU A 113 5.95 -26.13 3.67
C LEU A 113 5.64 -24.78 4.30
N ASP A 114 6.00 -23.68 3.64
CA ASP A 114 5.67 -22.36 4.15
C ASP A 114 4.18 -22.30 4.49
N ASP A 115 3.35 -22.64 3.52
CA ASP A 115 1.90 -22.49 3.63
C ASP A 115 1.31 -23.48 4.63
N LEU A 116 1.91 -24.66 4.68
CA LEU A 116 1.54 -25.61 5.71
C LEU A 116 1.74 -24.98 7.09
N ALA A 117 3.00 -24.73 7.43
CA ALA A 117 3.38 -24.20 8.73
C ALA A 117 2.50 -23.03 9.12
N ASP A 118 2.20 -22.17 8.14
CA ASP A 118 1.26 -21.07 8.38
C ASP A 118 -0.11 -21.62 8.86
N ALA A 119 -0.67 -22.57 8.11
CA ALA A 119 -1.94 -23.21 8.48
C ALA A 119 -1.93 -23.81 9.91
N LEU A 120 -1.00 -24.73 10.12
CA LEU A 120 -0.77 -25.32 11.45
C LEU A 120 -0.64 -24.29 12.56
N GLN A 121 -0.02 -23.16 12.25
CA GLN A 121 0.16 -22.09 13.20
C GLN A 121 -1.19 -21.49 13.60
N ALA A 122 -2.00 -21.20 12.58
CA ALA A 122 -3.39 -20.78 12.84
C ALA A 122 -4.10 -21.74 13.81
N VAL A 123 -3.92 -23.04 13.58
CA VAL A 123 -4.56 -24.01 14.46
C VAL A 123 -3.93 -24.10 15.86
N ARG A 124 -2.65 -23.75 15.98
CA ARG A 124 -1.98 -23.70 17.28
C ARG A 124 -2.56 -22.58 18.15
N LYS A 125 -2.67 -21.38 17.55
CA LYS A 125 -3.25 -20.24 18.25
C LYS A 125 -4.72 -20.49 18.60
N GLU A 126 -5.50 -20.98 17.65
CA GLU A 126 -6.92 -21.22 17.88
C GLU A 126 -7.20 -22.43 18.81
N ASP A 127 -6.69 -23.60 18.44
CA ASP A 127 -6.99 -24.83 19.16
C ASP A 127 -5.72 -25.69 19.28
N PRO A 128 -4.92 -25.44 20.31
CA PRO A 128 -3.59 -26.03 20.55
C PRO A 128 -3.53 -27.57 20.58
N ALA A 129 -4.42 -28.19 21.36
CA ALA A 129 -4.43 -29.64 21.51
C ALA A 129 -4.70 -30.33 20.17
N TYR A 130 -5.77 -29.90 19.50
CA TYR A 130 -6.11 -30.42 18.20
C TYR A 130 -5.08 -29.99 17.14
N PHE A 131 -4.29 -28.95 17.41
CA PHE A 131 -3.17 -28.67 16.52
C PHE A 131 -2.21 -29.81 16.63
N GLN A 132 -1.91 -30.22 17.86
CA GLN A 132 -0.94 -31.28 18.04
C GLN A 132 -1.46 -32.58 17.41
N ARG A 133 -2.75 -32.84 17.60
CA ARG A 133 -3.37 -34.04 17.06
C ARG A 133 -3.38 -34.05 15.52
N LEU A 134 -3.66 -32.89 14.94
CA LEU A 134 -3.63 -32.71 13.50
C LEU A 134 -2.19 -32.82 12.99
N LYS A 135 -1.23 -32.62 13.87
CA LYS A 135 0.18 -32.72 13.52
C LYS A 135 0.60 -34.18 13.62
N ASP A 136 -0.22 -34.97 14.32
CA ASP A 136 0.03 -36.41 14.39
C ASP A 136 -0.27 -37.13 13.04
N LEU A 137 -0.74 -36.41 12.02
CA LEU A 137 -1.01 -36.99 10.70
C LEU A 137 0.05 -36.68 9.65
N LEU A 138 1.27 -36.40 10.09
CA LEU A 138 2.28 -36.01 9.12
C LEU A 138 3.25 -37.16 8.99
N ASP A 139 4.17 -37.06 8.04
CA ASP A 139 5.27 -38.02 7.99
C ASP A 139 6.48 -37.41 8.72
N PRO A 140 7.30 -38.26 9.36
CA PRO A 140 8.53 -37.90 10.09
C PRO A 140 9.38 -36.75 9.52
N ARG A 141 9.91 -36.87 8.31
CA ARG A 141 10.73 -35.81 7.69
C ARG A 141 9.97 -34.48 7.55
N THR A 142 8.72 -34.56 7.09
CA THR A 142 7.87 -33.38 6.92
C THR A 142 7.46 -32.76 8.25
N ARG A 143 7.01 -33.60 9.18
CA ARG A 143 6.71 -33.11 10.51
C ARG A 143 7.92 -32.35 11.03
N ALA A 144 9.13 -32.91 10.84
CA ALA A 144 10.33 -32.29 11.38
C ALA A 144 10.68 -30.94 10.74
N GLU A 145 10.64 -30.88 9.42
CA GLU A 145 10.93 -29.64 8.74
C GLU A 145 9.91 -28.57 9.14
N VAL A 146 8.65 -28.98 9.30
CA VAL A 146 7.59 -28.04 9.63
C VAL A 146 7.71 -27.55 11.08
N GLU A 147 8.13 -28.44 11.97
CA GLU A 147 8.46 -28.00 13.32
C GLU A 147 9.61 -26.99 13.30
N ALA A 148 10.67 -27.27 12.56
CA ALA A 148 11.74 -26.28 12.45
C ALA A 148 11.30 -24.98 11.75
N LEU A 149 10.16 -24.99 11.08
CA LEU A 149 9.64 -23.77 10.48
C LEU A 149 8.67 -22.99 11.37
N ALA A 150 7.88 -23.70 12.17
CA ALA A 150 6.91 -23.05 13.04
C ALA A 150 7.63 -22.22 14.09
N ARG A 151 8.89 -22.55 14.36
CA ARG A 151 9.65 -21.80 15.35
C ARG A 151 10.05 -20.41 14.85
N TYR A 152 9.98 -20.19 13.54
CA TYR A 152 10.29 -18.86 13.04
C TYR A 152 9.14 -17.91 13.34
N GLU A 153 9.36 -16.61 13.16
CA GLU A 153 8.31 -15.63 13.43
C GLU A 153 7.52 -15.32 12.18
N GLU A 154 6.20 -15.27 12.31
CA GLU A 154 5.33 -15.06 11.17
C GLU A 154 5.60 -13.74 10.43
N ASP A 155 6.32 -12.85 11.09
CA ASP A 155 6.63 -11.56 10.50
C ASP A 155 8.02 -11.55 9.96
N GLU A 156 8.77 -12.61 10.19
CA GLU A 156 10.16 -12.61 9.77
C GLU A 156 10.36 -13.50 8.58
N ALA A 157 11.54 -13.39 7.94
CA ALA A 157 11.81 -14.14 6.72
C ALA A 157 11.53 -15.59 7.04
N GLY A 158 11.97 -16.05 8.17
CA GLY A 158 11.85 -17.46 8.39
C GLY A 158 10.41 -17.86 8.18
N GLY A 159 9.44 -17.06 8.60
CA GLY A 159 8.07 -17.54 8.51
C GLY A 159 7.49 -17.31 7.12
N LEU A 160 8.27 -16.63 6.31
CA LEU A 160 7.87 -16.52 4.93
C LEU A 160 8.58 -17.59 4.10
N MET A 161 9.63 -18.17 4.67
CA MET A 161 10.56 -18.99 3.88
C MET A 161 10.17 -20.44 3.78
N THR A 162 10.63 -21.05 2.69
CA THR A 162 10.40 -22.47 2.41
C THR A 162 11.72 -23.23 2.24
N PRO A 163 11.81 -24.45 2.81
CA PRO A 163 13.11 -25.13 2.79
C PRO A 163 13.35 -25.93 1.49
N GLU A 164 12.36 -25.99 0.60
CA GLU A 164 12.54 -26.72 -0.66
C GLU A 164 13.15 -25.85 -1.77
N TYR A 165 14.34 -25.32 -1.48
CA TYR A 165 15.22 -24.68 -2.46
C TYR A 165 16.01 -25.71 -3.27
N VAL A 166 16.58 -25.28 -4.40
CA VAL A 166 17.47 -26.15 -5.16
C VAL A 166 18.89 -25.71 -4.93
N ALA A 167 19.66 -26.53 -4.23
CA ALA A 167 21.00 -26.10 -3.83
C ALA A 167 22.04 -27.07 -4.34
N VAL A 168 23.11 -26.53 -4.89
CA VAL A 168 24.19 -27.35 -5.42
C VAL A 168 25.55 -26.92 -4.89
N ARG A 169 26.51 -27.82 -4.95
CA ARG A 169 27.87 -27.52 -4.48
C ARG A 169 28.68 -26.92 -5.63
N GLU A 170 29.69 -26.15 -5.28
CA GLU A 170 30.27 -25.20 -6.24
C GLU A 170 31.12 -25.86 -7.31
N GLY A 171 31.24 -27.18 -7.27
CA GLY A 171 32.13 -27.86 -8.19
C GLY A 171 31.52 -28.81 -9.21
N MET A 172 30.24 -28.66 -9.53
CA MET A 172 29.64 -29.48 -10.58
C MET A 172 29.79 -28.75 -11.91
N THR A 173 29.09 -29.22 -12.92
CA THR A 173 29.11 -28.54 -14.22
C THR A 173 27.68 -28.31 -14.62
N VAL A 174 27.51 -27.35 -15.53
CA VAL A 174 26.23 -26.99 -16.12
C VAL A 174 25.32 -28.19 -16.33
N GLU A 175 25.89 -29.20 -16.97
CA GLU A 175 25.20 -30.44 -17.33
C GLU A 175 24.77 -31.25 -16.10
N GLU A 176 25.68 -31.37 -15.13
CA GLU A 176 25.39 -32.09 -13.90
C GLU A 176 24.21 -31.45 -13.16
N VAL A 177 24.29 -30.13 -13.01
CA VAL A 177 23.23 -29.37 -12.37
C VAL A 177 21.91 -29.54 -13.14
N LEU A 178 21.97 -29.65 -14.47
CA LEU A 178 20.75 -29.88 -15.26
C LEU A 178 20.13 -31.29 -15.04
N ARG A 179 20.99 -32.31 -14.99
CA ARG A 179 20.54 -33.67 -14.71
C ARG A 179 19.84 -33.75 -13.35
N PHE A 180 20.55 -33.18 -12.38
CA PHE A 180 20.02 -33.04 -11.03
C PHE A 180 18.72 -32.28 -11.07
N LEU A 181 18.59 -31.35 -12.00
CA LEU A 181 17.38 -30.55 -12.02
C LEU A 181 16.20 -31.30 -12.61
N ARG A 182 16.42 -32.22 -13.54
CA ARG A 182 15.28 -32.99 -14.00
C ARG A 182 14.84 -33.95 -12.91
N ARG A 183 15.82 -34.57 -12.25
CA ARG A 183 15.50 -35.57 -11.22
C ARG A 183 15.03 -34.98 -9.86
N ALA A 184 15.20 -33.67 -9.67
CA ALA A 184 14.89 -33.00 -8.39
C ALA A 184 13.79 -31.96 -8.51
N ALA A 185 13.26 -31.76 -9.70
CA ALA A 185 12.19 -30.79 -9.95
C ALA A 185 10.83 -31.12 -9.30
N PRO A 186 10.52 -32.41 -9.04
CA PRO A 186 9.23 -32.62 -8.35
C PRO A 186 9.17 -31.97 -6.96
N ASP A 187 10.19 -32.21 -6.15
CA ASP A 187 10.25 -31.71 -4.77
C ASP A 187 10.94 -30.34 -4.65
N ALA A 188 10.53 -29.39 -5.47
CA ALA A 188 11.16 -28.08 -5.46
C ALA A 188 10.15 -26.97 -5.67
N GLU A 189 10.34 -25.84 -4.98
CA GLU A 189 9.42 -24.69 -5.05
C GLU A 189 9.67 -23.88 -6.33
N THR A 190 10.94 -23.70 -6.68
CA THR A 190 11.29 -23.16 -7.98
C THR A 190 12.72 -23.48 -8.41
N ILE A 191 12.80 -24.17 -9.55
CA ILE A 191 14.04 -24.61 -10.18
C ILE A 191 14.61 -23.52 -11.07
N TYR A 192 14.11 -22.31 -10.88
CA TYR A 192 14.43 -21.20 -11.77
C TYR A 192 15.73 -20.48 -11.32
N TYR A 193 15.93 -20.39 -10.00
CA TYR A 193 17.22 -19.92 -9.44
C TYR A 193 17.93 -20.99 -8.58
N ILE A 194 19.24 -21.10 -8.75
CA ILE A 194 19.97 -22.17 -8.11
C ILE A 194 21.02 -21.60 -7.21
N TYR A 195 21.00 -22.00 -5.95
CA TYR A 195 21.98 -21.52 -4.99
C TYR A 195 23.17 -22.47 -4.83
N VAL A 196 24.34 -21.86 -4.79
CA VAL A 196 25.61 -22.52 -4.68
C VAL A 196 26.14 -22.36 -3.29
N VAL A 197 26.38 -23.49 -2.65
CA VAL A 197 26.70 -23.49 -1.24
C VAL A 197 28.05 -24.11 -1.01
N ASP A 198 28.66 -23.79 0.14
CA ASP A 198 29.93 -24.43 0.55
C ASP A 198 29.61 -25.84 1.16
N GLU A 199 30.58 -26.46 1.85
CA GLU A 199 30.49 -27.79 2.51
C GLU A 199 29.63 -27.74 3.75
N LYS A 200 29.33 -26.52 4.24
CA LYS A 200 28.75 -26.40 5.59
C LYS A 200 27.35 -25.82 5.62
N GLY A 201 26.98 -25.11 4.57
CA GLY A 201 25.61 -24.66 4.44
C GLY A 201 25.52 -23.25 3.85
N ARG A 202 26.49 -22.32 4.06
CA ARG A 202 26.23 -20.88 3.82
C ARG A 202 26.29 -20.54 2.32
N LEU A 203 25.77 -19.36 2.01
CA LEU A 203 25.78 -18.96 0.62
C LEU A 203 27.17 -18.75 0.04
N LYS A 204 27.41 -19.28 -1.15
CA LYS A 204 28.60 -18.95 -1.91
C LYS A 204 28.26 -18.19 -3.19
N GLY A 205 27.33 -18.75 -3.95
CA GLY A 205 27.02 -18.24 -5.28
C GLY A 205 25.55 -18.39 -5.58
N VAL A 206 25.10 -17.73 -6.65
CA VAL A 206 23.72 -17.82 -7.11
C VAL A 206 23.74 -17.93 -8.66
N LEU A 207 22.67 -18.49 -9.23
CA LEU A 207 22.76 -19.01 -10.58
C LEU A 207 21.41 -19.02 -11.30
N SER A 208 21.30 -18.30 -12.41
CA SER A 208 20.05 -18.27 -13.14
C SER A 208 19.85 -19.51 -14.02
N LEU A 209 18.64 -20.07 -14.05
CA LEU A 209 18.39 -21.18 -14.98
C LEU A 209 18.70 -20.76 -16.41
N ARG A 210 18.32 -19.53 -16.76
CA ARG A 210 18.59 -19.02 -18.09
C ARG A 210 20.10 -19.10 -18.39
N ASP A 211 20.90 -18.88 -17.34
CA ASP A 211 22.36 -18.88 -17.46
C ASP A 211 22.90 -20.24 -17.84
N LEU A 212 22.50 -21.26 -17.11
CA LEU A 212 22.85 -22.62 -17.50
C LEU A 212 22.42 -22.92 -18.94
N ILE A 213 21.14 -22.67 -19.24
CA ILE A 213 20.59 -22.98 -20.56
C ILE A 213 21.37 -22.31 -21.67
N VAL A 214 21.97 -21.16 -21.40
CA VAL A 214 22.83 -20.56 -22.42
C VAL A 214 24.30 -20.97 -22.29
N ALA A 215 24.65 -21.61 -21.16
CA ALA A 215 26.04 -21.94 -20.85
C ALA A 215 26.54 -23.23 -21.50
N ASP A 216 27.85 -23.29 -21.76
CA ASP A 216 28.48 -24.43 -22.42
C ASP A 216 28.56 -25.58 -21.44
N PRO A 217 27.83 -26.69 -21.73
CA PRO A 217 27.55 -27.73 -20.73
C PRO A 217 28.77 -28.35 -20.08
N ARG A 218 29.96 -28.17 -20.64
CA ARG A 218 31.15 -28.69 -19.99
C ARG A 218 31.75 -27.68 -19.01
N THR A 219 31.26 -26.44 -19.03
CA THR A 219 31.79 -25.40 -18.14
C THR A 219 31.36 -25.65 -16.69
N ARG A 220 32.29 -25.46 -15.76
CA ARG A 220 31.99 -25.62 -14.34
C ARG A 220 31.12 -24.45 -13.91
N VAL A 221 30.44 -24.57 -12.76
CA VAL A 221 29.48 -23.54 -12.34
C VAL A 221 30.11 -22.31 -11.73
N ALA A 222 31.16 -22.47 -10.94
CA ALA A 222 31.81 -21.32 -10.35
C ALA A 222 32.29 -20.34 -11.43
N GLU A 223 32.58 -20.85 -12.63
CA GLU A 223 32.95 -19.99 -13.75
C GLU A 223 31.76 -19.18 -14.29
N ILE A 224 30.56 -19.54 -13.85
CA ILE A 224 29.36 -18.89 -14.36
C ILE A 224 28.37 -18.49 -13.27
N MET A 225 28.78 -18.56 -12.01
CA MET A 225 27.86 -18.18 -10.93
C MET A 225 28.13 -16.75 -10.51
N ASN A 226 27.29 -16.23 -9.62
CA ASN A 226 27.53 -14.91 -9.08
C ASN A 226 27.74 -14.96 -7.59
N PRO A 227 28.93 -14.56 -7.15
CA PRO A 227 29.32 -14.60 -5.75
C PRO A 227 28.75 -13.45 -4.88
N LYS A 228 28.38 -12.33 -5.52
CA LYS A 228 27.82 -11.23 -4.75
C LYS A 228 26.34 -11.52 -4.56
N VAL A 229 26.04 -12.46 -3.67
CA VAL A 229 24.66 -12.86 -3.46
C VAL A 229 23.90 -11.93 -2.51
N VAL A 230 22.71 -11.52 -2.94
CA VAL A 230 21.78 -10.72 -2.17
C VAL A 230 20.90 -11.65 -1.36
N TYR A 231 20.75 -11.42 -0.06
CA TYR A 231 20.00 -12.37 0.75
C TYR A 231 19.46 -11.79 2.03
N VAL A 232 18.45 -12.43 2.61
CA VAL A 232 17.98 -11.98 3.91
C VAL A 232 18.47 -12.93 4.99
N ARG A 233 18.00 -12.69 6.21
CA ARG A 233 18.40 -13.48 7.37
C ARG A 233 17.11 -14.07 7.89
N THR A 234 17.23 -15.02 8.80
CA THR A 234 16.05 -15.67 9.34
C THR A 234 15.23 -14.63 10.11
N ASP A 235 15.92 -13.74 10.81
CA ASP A 235 15.28 -12.78 11.70
C ASP A 235 14.80 -11.52 11.00
N THR A 236 15.30 -11.27 9.79
CA THR A 236 14.93 -10.09 9.00
C THR A 236 13.43 -9.82 8.95
N ASP A 237 13.03 -8.58 9.16
CA ASP A 237 11.61 -8.24 9.14
C ASP A 237 11.04 -8.39 7.74
N GLN A 238 9.80 -8.83 7.71
CA GLN A 238 8.98 -9.08 6.54
C GLN A 238 8.94 -7.97 5.50
N GLU A 239 9.01 -6.74 5.97
CA GLU A 239 8.89 -5.61 5.06
C GLU A 239 10.27 -5.29 4.52
N GLU A 240 11.30 -5.73 5.23
CA GLU A 240 12.65 -5.61 4.71
C GLU A 240 12.84 -6.54 3.50
N VAL A 241 12.20 -7.70 3.58
CA VAL A 241 12.22 -8.63 2.46
C VAL A 241 11.41 -8.00 1.33
N ALA A 242 10.17 -7.63 1.60
CA ALA A 242 9.40 -6.89 0.61
C ALA A 242 10.20 -5.77 -0.12
N ARG A 243 10.94 -4.99 0.68
CA ARG A 243 11.78 -3.92 0.13
C ARG A 243 12.89 -4.51 -0.76
N LEU A 244 13.76 -5.36 -0.20
CA LEU A 244 14.87 -5.96 -0.95
C LEU A 244 14.43 -6.62 -2.27
N MET A 245 13.46 -7.52 -2.16
CA MET A 245 12.85 -8.14 -3.33
C MET A 245 12.33 -7.12 -4.36
N ALA A 246 11.70 -6.03 -3.91
CA ALA A 246 11.16 -5.10 -4.88
C ALA A 246 12.24 -4.15 -5.48
N ASP A 247 13.29 -3.91 -4.71
CA ASP A 247 14.46 -3.14 -5.16
C ASP A 247 15.22 -3.84 -6.25
N TYR A 248 15.73 -5.04 -5.91
CA TYR A 248 16.63 -5.80 -6.78
C TYR A 248 15.95 -6.46 -7.97
N ASP A 249 14.61 -6.44 -7.97
CA ASP A 249 13.80 -6.95 -9.08
C ASP A 249 13.99 -8.47 -9.21
N PHE A 250 14.18 -9.09 -8.04
CA PHE A 250 14.31 -10.52 -7.88
C PHE A 250 12.97 -11.26 -7.85
N THR A 251 13.01 -12.60 -7.78
CA THR A 251 11.79 -13.37 -7.57
C THR A 251 12.00 -14.53 -6.60
N VAL A 252 13.25 -14.76 -6.20
CA VAL A 252 13.53 -15.61 -5.05
C VAL A 252 14.70 -15.02 -4.24
N LEU A 253 14.46 -14.86 -2.94
CA LEU A 253 15.45 -14.36 -2.01
C LEU A 253 15.88 -15.45 -1.03
N PRO A 254 17.17 -15.69 -0.92
CA PRO A 254 17.73 -16.80 -0.12
C PRO A 254 17.90 -16.55 1.37
N VAL A 255 16.88 -16.76 2.18
CA VAL A 255 17.07 -16.77 3.63
C VAL A 255 18.26 -17.59 4.13
N VAL A 256 19.12 -16.97 4.95
CA VAL A 256 20.17 -17.71 5.63
C VAL A 256 19.93 -17.64 7.11
N ASP A 257 20.62 -18.49 7.85
CA ASP A 257 20.37 -18.57 9.28
C ASP A 257 21.31 -17.65 10.02
N GLU A 258 21.24 -17.72 11.34
CA GLU A 258 22.10 -16.93 12.23
C GLU A 258 23.59 -17.11 11.94
N GLU A 259 23.93 -18.16 11.21
CA GLU A 259 25.32 -18.50 10.93
C GLU A 259 25.66 -18.33 9.45
N GLY A 260 24.62 -18.05 8.66
CA GLY A 260 24.82 -17.80 7.24
C GLY A 260 24.43 -18.99 6.38
N ARG A 261 24.36 -20.16 7.00
CA ARG A 261 23.95 -21.36 6.29
C ARG A 261 22.61 -21.15 5.61
N LEU A 262 22.55 -21.49 4.34
CA LEU A 262 21.33 -21.38 3.55
C LEU A 262 20.26 -22.25 4.16
N VAL A 263 19.13 -21.68 4.54
CA VAL A 263 18.14 -22.50 5.24
C VAL A 263 16.76 -22.47 4.64
N GLY A 264 16.53 -21.51 3.76
CA GLY A 264 15.27 -21.45 3.04
C GLY A 264 15.29 -20.48 1.89
N ILE A 265 14.11 -20.16 1.35
CA ILE A 265 13.98 -19.09 0.35
C ILE A 265 12.62 -18.47 0.50
N VAL A 266 12.50 -17.21 0.09
CA VAL A 266 11.21 -16.54 0.02
C VAL A 266 10.90 -16.25 -1.44
N THR A 267 9.67 -16.53 -1.85
CA THR A 267 9.23 -16.16 -3.20
C THR A 267 8.43 -14.87 -3.23
N VAL A 268 8.55 -14.11 -4.32
CA VAL A 268 7.85 -12.82 -4.45
C VAL A 268 6.34 -12.95 -4.30
N ASP A 269 5.78 -14.10 -4.70
CA ASP A 269 4.34 -14.31 -4.63
C ASP A 269 3.79 -14.17 -3.17
N ASP A 270 4.59 -14.51 -2.16
CA ASP A 270 4.16 -14.38 -0.77
C ASP A 270 4.42 -12.96 -0.36
N VAL A 271 5.45 -12.39 -0.97
CA VAL A 271 5.82 -11.03 -0.64
C VAL A 271 4.69 -10.06 -1.08
N LEU A 272 4.05 -10.26 -2.22
CA LEU A 272 2.97 -9.35 -2.68
C LEU A 272 1.85 -9.21 -1.66
N ASP A 273 1.44 -10.31 -1.04
CA ASP A 273 0.36 -10.22 -0.06
C ASP A 273 0.93 -9.82 1.30
N VAL A 274 2.26 -9.93 1.44
CA VAL A 274 2.91 -9.27 2.56
C VAL A 274 2.78 -7.75 2.44
N LEU A 275 3.13 -7.24 1.26
CA LEU A 275 3.03 -5.84 0.88
C LEU A 275 1.64 -5.33 1.14
N GLU A 276 0.64 -5.99 0.57
CA GLU A 276 -0.75 -5.63 0.81
C GLU A 276 -1.07 -5.65 2.30
N ALA A 277 -0.55 -6.64 3.02
CA ALA A 277 -0.77 -6.68 4.46
C ALA A 277 -0.26 -5.40 5.07
N GLU A 278 0.98 -5.06 4.75
CA GLU A 278 1.66 -3.94 5.36
C GLU A 278 0.95 -2.63 5.04
N ALA A 279 0.73 -2.37 3.76
CA ALA A 279 0.04 -1.15 3.34
C ALA A 279 -1.32 -1.04 4.04
N THR A 280 -2.02 -2.15 4.18
CA THR A 280 -3.29 -2.12 4.90
C THR A 280 -3.12 -1.78 6.40
N GLU A 281 -2.10 -2.33 7.05
CA GLU A 281 -1.85 -1.96 8.44
C GLU A 281 -1.60 -0.46 8.53
N ASP A 282 -0.76 0.04 7.62
CA ASP A 282 -0.42 1.45 7.62
C ASP A 282 -1.73 2.28 7.53
N ILE A 283 -2.51 2.09 6.46
CA ILE A 283 -3.82 2.76 6.34
C ILE A 283 -4.72 2.66 7.58
N HIS A 284 -4.84 1.46 8.12
CA HIS A 284 -5.67 1.24 9.31
C HIS A 284 -5.24 2.13 10.46
N LYS A 285 -3.96 2.13 10.86
CA LYS A 285 -3.72 2.92 12.06
C LYS A 285 -3.62 4.43 11.76
N LEU A 286 -3.37 4.76 10.50
CA LEU A 286 -3.54 6.13 10.07
C LEU A 286 -4.98 6.58 10.26
N GLY A 287 -5.89 5.63 10.37
CA GLY A 287 -7.29 5.92 10.71
C GLY A 287 -7.58 5.69 12.20
N ALA A 288 -6.50 5.58 12.95
CA ALA A 288 -6.52 5.45 14.41
C ALA A 288 -7.30 4.23 14.90
N VAL A 289 -7.31 3.16 14.11
CA VAL A 289 -7.74 1.85 14.59
C VAL A 289 -6.48 1.00 14.77
N ASP A 290 -6.38 0.27 15.88
CA ASP A 290 -5.12 -0.40 16.18
C ASP A 290 -5.23 -1.92 16.40
N VAL A 291 -5.49 -2.63 15.31
CA VAL A 291 -5.38 -4.09 15.27
C VAL A 291 -4.73 -4.41 13.93
N PRO A 292 -3.59 -5.12 13.98
CA PRO A 292 -2.77 -5.42 12.78
C PRO A 292 -3.53 -6.22 11.73
N ASP A 293 -4.04 -7.40 12.08
CA ASP A 293 -4.81 -8.20 11.15
C ASP A 293 -6.31 -8.15 11.51
N LEU A 294 -7.02 -7.20 10.93
CA LEU A 294 -8.47 -7.09 11.14
C LEU A 294 -9.24 -7.23 9.82
N VAL A 295 -9.99 -8.32 9.67
CA VAL A 295 -10.91 -8.45 8.55
C VAL A 295 -12.27 -7.93 8.97
N TYR A 296 -12.78 -6.93 8.26
CA TYR A 296 -14.03 -6.28 8.65
C TYR A 296 -15.25 -7.21 8.50
N SER A 297 -15.24 -8.03 7.46
CA SER A 297 -16.36 -8.90 7.16
C SER A 297 -16.48 -10.04 8.17
N GLU A 298 -15.33 -10.47 8.70
CA GLU A 298 -15.29 -11.58 9.65
C GLU A 298 -14.85 -11.13 11.04
N ALA A 299 -15.60 -10.21 11.63
CA ALA A 299 -15.33 -9.75 12.99
C ALA A 299 -16.60 -9.24 13.63
N GLY A 300 -16.78 -9.51 14.93
CA GLY A 300 -17.98 -9.11 15.64
C GLY A 300 -17.86 -7.71 16.23
N PRO A 301 -19.02 -7.03 16.41
CA PRO A 301 -19.08 -5.66 16.92
C PRO A 301 -18.24 -5.44 18.17
N VAL A 302 -18.10 -6.48 18.99
CA VAL A 302 -17.31 -6.41 20.22
C VAL A 302 -15.83 -6.12 19.94
N ALA A 303 -15.22 -6.86 19.02
CA ALA A 303 -13.80 -6.67 18.69
C ALA A 303 -13.54 -5.29 18.08
N LEU A 304 -14.42 -4.87 17.17
CA LEU A 304 -14.36 -3.52 16.60
C LEU A 304 -14.43 -2.50 17.72
N TRP A 305 -15.31 -2.74 18.68
CA TRP A 305 -15.45 -1.85 19.82
C TRP A 305 -14.15 -1.77 20.62
N LEU A 306 -13.49 -2.89 20.87
CA LEU A 306 -12.18 -2.84 21.56
C LEU A 306 -11.20 -1.96 20.79
N ALA A 307 -10.95 -2.38 19.55
CA ALA A 307 -9.95 -1.75 18.67
C ALA A 307 -10.13 -0.24 18.48
N ARG A 308 -11.35 0.18 18.20
CA ARG A 308 -11.65 1.60 18.06
C ARG A 308 -11.65 2.38 19.40
N VAL A 309 -12.29 1.80 20.42
CA VAL A 309 -12.45 2.47 21.72
C VAL A 309 -11.11 2.80 22.38
N ARG A 310 -10.08 1.98 22.15
CA ARG A 310 -8.76 2.29 22.71
C ARG A 310 -8.28 3.70 22.36
N TRP A 311 -8.06 3.94 21.07
CA TRP A 311 -7.54 5.21 20.59
C TRP A 311 -8.57 6.33 20.61
N LEU A 312 -9.84 5.97 20.46
CA LEU A 312 -10.91 6.95 20.62
C LEU A 312 -10.81 7.57 22.01
N VAL A 313 -10.67 6.71 23.02
CA VAL A 313 -10.48 7.14 24.42
C VAL A 313 -9.22 8.00 24.60
N ILE A 314 -8.06 7.42 24.25
CA ILE A 314 -6.78 8.11 24.39
C ILE A 314 -6.87 9.52 23.82
N LEU A 315 -7.55 9.65 22.68
CA LEU A 315 -7.71 10.95 22.04
C LEU A 315 -8.75 11.84 22.70
N ILE A 316 -9.76 11.22 23.32
CA ILE A 316 -10.86 11.99 23.93
C ILE A 316 -10.36 12.71 25.17
N LEU A 317 -9.40 12.12 25.87
CA LEU A 317 -8.77 12.81 27.01
C LEU A 317 -8.11 14.17 26.61
N THR A 318 -7.20 14.08 25.65
CA THR A 318 -6.58 15.28 25.09
C THR A 318 -7.62 16.15 24.36
N GLY A 319 -8.81 15.60 24.15
CA GLY A 319 -9.96 16.40 23.76
C GLY A 319 -10.59 17.16 24.93
N MET A 320 -10.40 16.64 26.15
CA MET A 320 -10.89 17.32 27.35
C MET A 320 -10.01 18.49 27.72
N VAL A 321 -8.70 18.35 27.49
CA VAL A 321 -7.80 19.47 27.81
C VAL A 321 -8.20 20.76 27.07
N THR A 322 -8.83 20.62 25.90
CA THR A 322 -9.30 21.77 25.15
C THR A 322 -10.47 22.43 25.85
N SER A 323 -11.28 21.61 26.52
CA SER A 323 -12.41 22.13 27.30
C SER A 323 -11.89 22.92 28.51
N SER A 324 -10.94 22.35 29.25
CA SER A 324 -10.38 23.10 30.37
C SER A 324 -9.53 24.31 29.92
N ILE A 325 -9.05 24.30 28.69
CA ILE A 325 -8.31 25.45 28.17
C ILE A 325 -9.32 26.53 27.79
N LEU A 326 -10.50 26.08 27.34
CA LEU A 326 -11.56 26.99 26.98
C LEU A 326 -12.11 27.62 28.25
N GLN A 327 -11.95 26.91 29.36
CA GLN A 327 -12.44 27.37 30.67
C GLN A 327 -11.73 28.61 31.23
N GLY A 328 -10.42 28.68 31.04
CA GLY A 328 -9.62 29.73 31.64
C GLY A 328 -9.56 31.00 30.81
N PHE A 329 -10.05 30.92 29.58
CA PHE A 329 -10.13 32.11 28.72
C PHE A 329 -11.55 32.62 28.62
N GLU A 330 -12.33 32.50 29.69
CA GLU A 330 -13.74 32.92 29.71
C GLU A 330 -13.96 34.44 29.87
N SER A 331 -12.90 35.17 30.19
CA SER A 331 -12.94 36.64 30.15
C SER A 331 -12.96 37.33 28.77
N VAL A 332 -12.04 36.96 27.88
CA VAL A 332 -12.07 37.40 26.48
C VAL A 332 -13.27 36.81 25.72
N LEU A 333 -13.78 35.67 26.19
CA LEU A 333 -14.93 35.01 25.58
C LEU A 333 -16.28 35.59 26.02
N GLU A 334 -16.44 35.90 27.31
CA GLU A 334 -17.65 36.60 27.73
C GLU A 334 -17.71 37.93 26.97
N ALA A 335 -16.57 38.62 26.90
CA ALA A 335 -16.49 39.97 26.34
C ALA A 335 -16.94 40.07 24.87
N VAL A 336 -16.25 39.36 23.98
CA VAL A 336 -16.63 39.32 22.57
C VAL A 336 -17.08 37.91 22.19
N THR A 337 -18.33 37.78 21.74
CA THR A 337 -18.95 36.48 21.49
C THR A 337 -18.61 35.89 20.10
N ALA A 338 -18.39 36.75 19.11
CA ALA A 338 -18.03 36.33 17.76
C ALA A 338 -16.79 35.45 17.72
N LEU A 339 -15.93 35.62 18.72
CA LEU A 339 -14.81 34.72 18.94
C LEU A 339 -15.22 33.26 18.80
N ALA A 340 -16.31 32.88 19.47
CA ALA A 340 -16.78 31.49 19.50
C ALA A 340 -17.33 31.05 18.14
N PHE A 341 -17.76 32.04 17.35
CA PHE A 341 -18.35 31.82 16.04
C PHE A 341 -17.29 31.48 14.98
N TYR A 342 -16.03 31.39 15.40
CA TYR A 342 -14.94 31.10 14.47
C TYR A 342 -13.99 30.01 14.98
N VAL A 343 -14.31 29.45 16.14
CA VAL A 343 -13.52 28.35 16.72
C VAL A 343 -13.52 27.05 15.85
N PRO A 344 -14.67 26.58 15.39
CA PRO A 344 -14.64 25.36 14.63
C PRO A 344 -13.84 25.51 13.35
N VAL A 345 -14.11 26.58 12.61
CA VAL A 345 -13.58 26.68 11.26
C VAL A 345 -12.06 26.74 11.31
N LEU A 346 -11.54 27.53 12.22
CA LEU A 346 -10.10 27.58 12.41
C LEU A 346 -9.52 26.23 12.84
N LEU A 347 -10.12 25.65 13.88
CA LEU A 347 -9.67 24.38 14.40
C LEU A 347 -9.69 23.25 13.35
N GLY A 348 -10.85 23.06 12.73
CA GLY A 348 -11.04 22.03 11.73
C GLY A 348 -10.14 22.21 10.53
N THR A 349 -10.02 23.43 10.03
CA THR A 349 -9.17 23.66 8.86
C THR A 349 -7.69 23.40 9.21
N GLY A 350 -7.30 23.81 10.41
CA GLY A 350 -5.97 23.52 10.90
C GLY A 350 -5.68 22.02 10.96
N GLY A 351 -6.63 21.27 11.54
CA GLY A 351 -6.51 19.82 11.62
C GLY A 351 -6.40 19.18 10.25
N ASN A 352 -7.19 19.67 9.30
CA ASN A 352 -7.09 19.31 7.91
C ASN A 352 -5.68 19.42 7.39
N THR A 353 -5.13 20.62 7.51
CA THR A 353 -3.78 20.86 7.04
C THR A 353 -2.76 19.92 7.72
N GLY A 354 -2.95 19.70 9.02
CA GLY A 354 -2.12 18.77 9.77
C GLY A 354 -2.16 17.34 9.23
N ASN A 355 -3.38 16.89 8.93
CA ASN A 355 -3.59 15.64 8.26
C ASN A 355 -2.77 15.60 6.99
N GLN A 356 -2.96 16.58 6.12
CA GLN A 356 -2.25 16.60 4.84
C GLN A 356 -0.75 16.41 4.99
N SER A 357 -0.14 17.16 5.88
CA SER A 357 1.32 17.07 6.01
C SER A 357 1.71 15.72 6.59
N ALA A 358 1.06 15.39 7.70
CA ALA A 358 1.32 14.14 8.41
C ALA A 358 1.28 12.97 7.45
N THR A 359 0.17 12.80 6.76
CA THR A 359 0.12 11.71 5.82
C THR A 359 1.24 11.88 4.78
N LEU A 360 1.27 13.03 4.11
CA LEU A 360 2.25 13.26 3.03
C LEU A 360 3.70 12.97 3.42
N ILE A 361 3.99 12.86 4.71
CA ILE A 361 5.35 12.56 5.16
C ILE A 361 5.45 11.11 5.58
N ILE A 362 4.40 10.61 6.20
CA ILE A 362 4.37 9.24 6.68
C ILE A 362 4.58 8.31 5.51
N ARG A 363 3.92 8.57 4.38
CA ARG A 363 4.15 7.73 3.20
C ARG A 363 5.57 7.88 2.78
N ALA A 364 5.99 9.12 2.59
CA ALA A 364 7.36 9.39 2.19
C ALA A 364 8.41 8.78 3.15
N LEU A 365 7.99 8.25 4.29
CA LEU A 365 8.94 7.58 5.16
C LEU A 365 8.78 6.08 5.04
N ALA A 366 7.56 5.66 4.73
CA ALA A 366 7.30 4.25 4.51
C ALA A 366 7.84 3.87 3.16
N THR A 367 7.63 4.75 2.20
CA THR A 367 8.10 4.51 0.85
C THR A 367 9.61 4.59 0.81
N ARG A 368 10.19 4.92 1.97
CA ARG A 368 11.65 5.06 2.13
C ARG A 368 12.18 6.19 1.23
N ASP A 369 11.27 7.07 0.84
CA ASP A 369 11.58 8.27 0.07
C ASP A 369 12.30 9.32 0.92
N LEU A 370 12.14 9.25 2.25
CA LEU A 370 12.76 10.20 3.16
C LEU A 370 13.41 9.52 4.36
N ASP A 371 14.58 10.01 4.73
CA ASP A 371 15.30 9.46 5.87
C ASP A 371 15.22 10.46 7.01
N LEU A 372 15.57 10.00 8.20
CA LEU A 372 15.48 10.83 9.40
C LEU A 372 16.33 12.06 9.27
N ARG A 373 17.56 11.88 8.79
CA ARG A 373 18.55 12.96 8.65
C ARG A 373 18.05 14.11 7.77
N ASP A 374 17.02 13.86 6.98
CA ASP A 374 16.40 14.87 6.12
C ASP A 374 15.60 15.92 6.88
N TRP A 375 15.17 15.59 8.11
CA TRP A 375 14.22 16.40 8.87
C TRP A 375 14.47 17.89 8.70
N ARG A 376 15.70 18.33 9.01
CA ARG A 376 16.07 19.74 8.90
C ARG A 376 15.68 20.27 7.52
N ARG A 377 16.28 19.72 6.48
CA ARG A 377 15.96 20.13 5.11
C ARG A 377 14.46 20.11 4.79
N VAL A 378 13.74 19.12 5.31
CA VAL A 378 12.31 19.02 5.03
C VAL A 378 11.62 20.22 5.62
N PHE A 379 11.99 20.55 6.85
CA PHE A 379 11.30 21.59 7.63
C PHE A 379 11.02 22.82 6.81
N LEU A 380 12.08 23.55 6.48
CA LEU A 380 11.98 24.72 5.62
C LEU A 380 11.08 24.45 4.41
N LYS A 381 11.36 23.38 3.65
CA LYS A 381 10.61 23.05 2.43
C LYS A 381 9.09 23.07 2.61
N GLU A 382 8.68 22.57 3.78
CA GLU A 382 7.26 22.51 4.11
C GLU A 382 6.82 23.87 4.63
N MET A 383 7.66 24.51 5.43
CA MET A 383 7.28 25.75 6.13
C MET A 383 6.64 26.80 5.20
N GLY A 384 7.40 27.23 4.19
CA GLY A 384 6.94 28.15 3.17
C GLY A 384 5.56 27.78 2.65
N VAL A 385 5.39 26.50 2.31
CA VAL A 385 4.10 25.98 1.83
C VAL A 385 2.93 26.33 2.76
N GLY A 386 3.11 26.03 4.05
CA GLY A 386 2.11 26.34 5.06
C GLY A 386 1.78 27.82 5.05
N LEU A 387 2.82 28.65 4.94
CA LEU A 387 2.61 30.08 4.84
C LEU A 387 1.65 30.35 3.67
N LEU A 388 1.99 29.82 2.51
CA LEU A 388 1.16 30.04 1.33
C LEU A 388 -0.24 29.42 1.50
N LEU A 389 -0.33 28.36 2.29
CA LEU A 389 -1.61 27.71 2.49
C LEU A 389 -2.44 28.55 3.43
N GLY A 390 -1.74 29.23 4.35
CA GLY A 390 -2.38 30.10 5.32
C GLY A 390 -3.02 31.26 4.61
N LEU A 391 -2.19 32.16 4.09
CA LEU A 391 -2.61 33.38 3.41
C LEU A 391 -3.87 33.12 2.59
N THR A 392 -3.75 32.19 1.65
CA THR A 392 -4.85 31.78 0.77
C THR A 392 -6.15 31.44 1.50
N LEU A 393 -6.07 30.43 2.38
CA LEU A 393 -7.20 30.07 3.21
C LEU A 393 -7.80 31.29 3.90
N SER A 394 -6.91 32.10 4.48
CA SER A 394 -7.33 33.27 5.25
C SER A 394 -8.10 34.21 4.35
N PHE A 395 -7.57 34.41 3.15
CA PHE A 395 -8.17 35.33 2.19
C PHE A 395 -9.64 34.93 1.99
N LEU A 396 -9.90 33.64 2.06
CA LEU A 396 -11.27 33.17 1.98
C LEU A 396 -11.99 33.51 3.27
N LEU A 397 -11.45 33.02 4.39
CA LEU A 397 -12.18 33.08 5.65
C LEU A 397 -12.52 34.51 5.99
N VAL A 398 -11.55 35.40 5.77
CA VAL A 398 -11.74 36.81 6.04
C VAL A 398 -12.84 37.40 5.17
N GLY A 399 -12.84 37.04 3.88
CA GLY A 399 -13.90 37.45 2.97
C GLY A 399 -15.28 36.98 3.41
N LYS A 400 -15.29 36.08 4.38
CA LYS A 400 -16.53 35.60 5.00
C LYS A 400 -16.74 36.29 6.34
N VAL A 401 -15.66 36.49 7.08
CA VAL A 401 -15.75 37.23 8.34
C VAL A 401 -16.33 38.62 8.08
N TYR A 402 -15.74 39.30 7.10
CA TYR A 402 -16.26 40.55 6.58
C TYR A 402 -17.73 40.44 6.18
N TRP A 403 -18.07 39.29 5.61
CA TRP A 403 -19.42 39.00 5.13
C TRP A 403 -20.32 38.53 6.26
N ASP A 404 -19.72 38.05 7.35
CA ASP A 404 -20.50 37.67 8.52
C ASP A 404 -21.00 38.92 9.22
N GLY A 405 -20.29 40.02 9.01
CA GLY A 405 -20.69 41.32 9.54
C GLY A 405 -19.94 41.75 10.78
N HIS A 406 -18.66 41.36 10.87
CA HIS A 406 -17.87 41.62 12.07
C HIS A 406 -16.49 42.18 11.72
N PRO A 407 -16.42 43.24 10.89
CA PRO A 407 -15.13 43.65 10.32
C PRO A 407 -14.12 44.14 11.35
N LEU A 408 -14.39 43.85 12.63
CA LEU A 408 -13.55 44.27 13.75
C LEU A 408 -12.54 43.21 14.16
N LEU A 409 -13.04 42.00 14.37
CA LEU A 409 -12.19 40.88 14.77
C LEU A 409 -11.77 40.11 13.52
N LEU A 410 -12.23 40.63 12.38
CA LEU A 410 -11.76 40.18 11.07
C LEU A 410 -10.25 39.93 11.01
N PRO A 411 -9.41 40.83 11.57
CA PRO A 411 -7.99 40.48 11.57
C PRO A 411 -7.57 39.57 12.72
N VAL A 412 -8.38 39.47 13.77
CA VAL A 412 -8.13 38.48 14.82
C VAL A 412 -8.31 37.07 14.23
N VAL A 413 -9.53 36.80 13.75
CA VAL A 413 -9.80 35.58 12.98
C VAL A 413 -8.72 35.39 11.91
N GLY A 414 -8.71 36.23 10.88
CA GLY A 414 -7.71 36.17 9.81
C GLY A 414 -6.27 35.82 10.18
N VAL A 415 -5.69 36.58 11.10
CA VAL A 415 -4.32 36.32 11.49
C VAL A 415 -4.23 34.99 12.22
N SER A 416 -5.22 34.72 13.05
CA SER A 416 -5.29 33.44 13.76
C SER A 416 -5.26 32.26 12.79
N LEU A 417 -6.07 32.33 11.74
CA LEU A 417 -6.11 31.29 10.73
C LEU A 417 -4.75 31.11 10.08
N VAL A 418 -4.07 32.19 9.68
CA VAL A 418 -2.72 32.02 9.10
C VAL A 418 -1.78 31.34 10.10
N LEU A 419 -1.82 31.77 11.35
CA LEU A 419 -0.97 31.18 12.39
C LEU A 419 -1.27 29.71 12.62
N ILE A 420 -2.55 29.36 12.64
CA ILE A 420 -3.01 27.99 12.88
C ILE A 420 -2.64 27.06 11.72
N VAL A 421 -2.92 27.49 10.49
CA VAL A 421 -2.51 26.72 9.31
C VAL A 421 -1.02 26.46 9.36
N PHE A 422 -0.26 27.54 9.40
CA PHE A 422 1.20 27.50 9.46
C PHE A 422 1.72 26.55 10.53
N PHE A 423 1.16 26.57 11.74
CA PHE A 423 1.74 25.71 12.77
C PHE A 423 1.26 24.27 12.66
N ALA A 424 -0.04 24.07 12.49
CA ALA A 424 -0.61 22.73 12.41
C ALA A 424 0.16 21.94 11.37
N ASN A 425 0.28 22.54 10.19
CA ASN A 425 1.10 22.00 9.11
C ASN A 425 2.43 21.49 9.61
N LEU A 426 3.23 22.35 10.22
CA LEU A 426 4.53 21.92 10.73
C LEU A 426 4.45 20.83 11.82
N VAL A 427 3.41 20.90 12.63
CA VAL A 427 3.27 19.91 13.66
C VAL A 427 3.10 18.62 12.93
N GLY A 428 2.31 18.67 11.87
CA GLY A 428 2.03 17.47 11.12
C GLY A 428 3.29 16.93 10.55
N ALA A 429 4.13 17.80 10.01
CA ALA A 429 5.33 17.31 9.37
C ALA A 429 6.25 16.61 10.33
N MET A 430 6.51 17.22 11.49
CA MET A 430 7.44 16.61 12.43
C MET A 430 7.05 15.35 13.16
N LEU A 431 5.82 15.30 13.64
CA LEU A 431 5.52 14.21 14.56
C LEU A 431 6.09 12.85 14.12
N PRO A 432 5.96 12.49 12.82
CA PRO A 432 6.61 11.26 12.40
C PRO A 432 8.11 11.26 12.63
N PHE A 433 8.82 12.29 12.18
CA PHE A 433 10.26 12.35 12.37
C PHE A 433 10.67 12.12 13.82
N LEU A 434 9.93 12.74 14.73
CA LEU A 434 10.17 12.58 16.14
C LEU A 434 10.02 11.11 16.53
N LEU A 435 8.91 10.51 16.14
CA LEU A 435 8.68 9.11 16.48
C LEU A 435 9.79 8.20 15.95
N ARG A 436 10.30 8.55 14.77
CA ARG A 436 11.41 7.83 14.16
C ARG A 436 12.63 7.92 15.05
N ARG A 437 13.05 9.12 15.45
CA ARG A 437 14.21 9.21 16.34
C ARG A 437 13.91 8.56 17.70
N LEU A 438 12.62 8.29 17.94
CA LEU A 438 12.20 7.59 19.16
C LEU A 438 12.13 6.09 19.01
N GLY A 439 11.96 5.62 17.77
CA GLY A 439 11.87 4.20 17.48
C GLY A 439 10.45 3.70 17.66
N VAL A 440 9.52 4.38 17.00
CA VAL A 440 8.11 4.02 17.05
C VAL A 440 7.60 4.08 15.62
N ASP A 441 6.51 3.36 15.35
CA ASP A 441 5.88 3.36 14.04
C ASP A 441 5.25 4.72 13.77
N PRO A 442 5.75 5.45 12.76
CA PRO A 442 5.16 6.74 12.41
C PRO A 442 3.68 6.68 12.05
N ALA A 443 3.17 5.54 11.59
CA ALA A 443 1.78 5.47 11.20
C ALA A 443 0.87 5.57 12.41
N LEU A 444 1.47 5.68 13.60
CA LEU A 444 0.74 5.91 14.85
C LEU A 444 0.29 7.37 14.94
N VAL A 445 1.01 8.24 14.24
CA VAL A 445 0.61 9.63 14.02
C VAL A 445 -0.63 9.63 13.14
N SER A 446 -1.76 9.30 13.75
CA SER A 446 -3.01 9.16 13.01
C SER A 446 -3.59 10.53 12.67
N ASN A 447 -4.35 10.57 11.57
CA ASN A 447 -5.11 11.77 11.23
C ASN A 447 -5.98 12.29 12.40
N PRO A 448 -6.67 11.39 13.14
CA PRO A 448 -7.42 11.91 14.29
C PRO A 448 -6.55 12.43 15.43
N LEU A 449 -5.39 11.80 15.68
CA LEU A 449 -4.48 12.32 16.69
C LEU A 449 -4.05 13.74 16.35
N VAL A 450 -3.70 13.96 15.09
CA VAL A 450 -3.30 15.29 14.66
C VAL A 450 -4.50 16.23 14.64
N ALA A 451 -5.70 15.70 14.42
CA ALA A 451 -6.92 16.51 14.47
C ALA A 451 -7.14 17.09 15.86
N THR A 452 -7.12 16.21 16.87
CA THR A 452 -7.22 16.62 18.27
C THR A 452 -6.06 17.53 18.74
N LEU A 453 -4.85 17.24 18.29
CA LEU A 453 -3.70 18.08 18.66
C LEU A 453 -3.82 19.48 18.08
N SER A 454 -4.20 19.55 16.81
CA SER A 454 -4.46 20.82 16.14
C SER A 454 -5.67 21.54 16.72
N ASP A 455 -6.56 20.80 17.40
CA ASP A 455 -7.65 21.41 18.18
C ASP A 455 -7.07 22.16 19.38
N VAL A 456 -6.18 21.48 20.11
CA VAL A 456 -5.54 22.14 21.24
C VAL A 456 -4.74 23.37 20.80
N THR A 457 -3.72 23.17 19.97
CA THR A 457 -2.90 24.27 19.48
C THR A 457 -3.76 25.36 18.85
N GLY A 458 -4.79 24.93 18.15
CA GLY A 458 -5.70 25.85 17.49
C GLY A 458 -6.34 26.79 18.48
N LEU A 459 -6.90 26.23 19.55
CA LEU A 459 -7.54 27.03 20.59
C LEU A 459 -6.54 27.91 21.31
N LEU A 460 -5.38 27.39 21.69
CA LEU A 460 -4.35 28.22 22.33
C LEU A 460 -3.94 29.42 21.48
N ILE A 461 -3.60 29.17 20.22
CA ILE A 461 -3.29 30.23 19.28
C ILE A 461 -4.43 31.23 19.22
N TYR A 462 -5.62 30.74 18.92
CA TYR A 462 -6.78 31.61 18.72
C TYR A 462 -7.06 32.50 19.93
N LEU A 463 -7.11 31.88 21.10
CA LEU A 463 -7.51 32.57 22.33
C LEU A 463 -6.43 33.51 22.83
N SER A 464 -5.17 33.10 22.72
CA SER A 464 -4.11 34.02 23.11
C SER A 464 -4.02 35.19 22.13
N VAL A 465 -4.38 34.94 20.87
CA VAL A 465 -4.37 36.01 19.89
C VAL A 465 -5.52 36.96 20.18
N ALA A 466 -6.67 36.40 20.55
CA ALA A 466 -7.81 37.19 21.01
C ALA A 466 -7.44 38.08 22.20
N ARG A 467 -6.84 37.49 23.22
CA ARG A 467 -6.43 38.20 24.42
C ARG A 467 -5.48 39.33 24.08
N LEU A 468 -4.41 38.99 23.39
CA LEU A 468 -3.38 39.97 23.04
C LEU A 468 -3.98 41.12 22.24
N LEU A 469 -4.85 40.82 21.29
CA LEU A 469 -5.46 41.88 20.49
C LEU A 469 -6.54 42.63 21.26
N LEU A 470 -6.98 42.05 22.36
CA LEU A 470 -7.96 42.69 23.23
C LEU A 470 -7.28 43.72 24.13
N GLU A 471 -6.00 43.50 24.41
CA GLU A 471 -5.23 44.49 25.16
C GLU A 471 -5.10 45.82 24.40
N ALA A 472 -5.15 45.77 23.07
CA ALA A 472 -5.04 46.99 22.26
C ALA A 472 -6.11 48.02 22.64
N GLU B 46 38.18 1.51 -12.35
CA GLU B 46 37.48 0.29 -12.73
C GLU B 46 36.76 -0.29 -11.53
N VAL B 47 37.37 -0.14 -10.36
CA VAL B 47 36.78 -0.58 -9.09
C VAL B 47 35.45 0.15 -8.83
N LEU B 48 35.27 1.27 -9.51
CA LEU B 48 34.04 2.04 -9.48
C LEU B 48 33.00 1.42 -10.47
N GLU B 49 33.27 0.16 -10.86
CA GLU B 49 32.43 -0.62 -11.77
C GLU B 49 32.15 -2.04 -11.27
N GLU B 50 32.45 -2.31 -10.00
CA GLU B 50 32.04 -3.55 -9.36
C GLU B 50 30.69 -3.37 -8.66
N ILE B 51 30.30 -2.12 -8.42
CA ILE B 51 29.10 -1.83 -7.61
C ILE B 51 27.77 -2.07 -8.30
N HIS B 52 26.81 -2.59 -7.52
CA HIS B 52 25.46 -2.87 -7.96
C HIS B 52 24.65 -1.58 -8.09
N PRO B 53 23.89 -1.45 -9.18
CA PRO B 53 23.08 -0.25 -9.41
C PRO B 53 22.12 0.06 -8.27
N GLN B 54 21.62 -0.94 -7.56
CA GLN B 54 20.80 -0.63 -6.39
C GLN B 54 21.57 0.23 -5.39
N ASP B 55 22.75 -0.25 -4.98
CA ASP B 55 23.67 0.47 -4.08
C ASP B 55 23.81 1.94 -4.46
N LEU B 56 24.10 2.16 -5.74
CA LEU B 56 24.33 3.48 -6.29
C LEU B 56 23.05 4.31 -6.27
N LEU B 57 21.91 3.65 -6.44
CA LEU B 57 20.62 4.32 -6.34
C LEU B 57 20.33 4.74 -4.90
N ALA B 58 20.91 4.02 -3.94
CA ALA B 58 20.72 4.36 -2.53
C ALA B 58 21.42 5.66 -2.21
N LEU B 59 22.60 5.83 -2.77
CA LEU B 59 23.40 7.02 -2.52
C LEU B 59 23.06 8.15 -3.50
N TRP B 60 21.94 8.04 -4.19
CA TRP B 60 21.59 9.00 -5.25
C TRP B 60 21.02 10.25 -4.63
N ASP B 61 20.28 10.04 -3.55
CA ASP B 61 19.63 11.10 -2.78
C ASP B 61 20.66 11.93 -2.01
N GLU B 62 21.87 11.39 -1.95
CA GLU B 62 22.96 11.93 -1.15
C GLU B 62 24.12 12.39 -2.06
N LEU B 63 23.79 12.83 -3.28
CA LEU B 63 24.80 13.25 -4.27
C LEU B 63 24.40 14.53 -4.96
N LYS B 64 25.37 15.45 -5.13
CA LYS B 64 25.05 16.75 -5.71
C LYS B 64 24.76 16.63 -7.21
N GLY B 65 24.00 17.60 -7.75
CA GLY B 65 23.57 17.57 -9.13
C GLY B 65 24.68 17.37 -10.16
N GLU B 66 25.73 18.17 -10.05
CA GLU B 66 26.94 17.98 -10.86
C GLU B 66 27.49 16.56 -10.71
N HIS B 67 27.66 16.12 -9.46
CA HIS B 67 28.15 14.77 -9.16
C HIS B 67 27.26 13.69 -9.77
N ARG B 68 25.96 13.80 -9.52
CA ARG B 68 24.97 12.92 -10.12
C ARG B 68 25.23 12.80 -11.62
N TYR B 69 25.22 13.96 -12.30
CA TYR B 69 25.39 14.01 -13.75
C TYR B 69 26.66 13.31 -14.20
N VAL B 70 27.75 13.48 -13.47
CA VAL B 70 28.99 12.93 -13.98
C VAL B 70 29.09 11.41 -13.73
N VAL B 71 28.48 10.93 -12.65
CA VAL B 71 28.40 9.48 -12.43
C VAL B 71 27.51 8.79 -13.47
N LEU B 72 26.33 9.34 -13.71
CA LEU B 72 25.43 8.84 -14.75
C LEU B 72 26.07 8.94 -16.13
N THR B 73 26.95 9.92 -16.33
CA THR B 73 27.60 10.08 -17.63
C THR B 73 28.89 9.29 -17.76
N LEU B 74 29.35 8.66 -16.68
CA LEU B 74 30.61 7.92 -16.78
C LEU B 74 30.54 6.38 -16.57
N LEU B 75 29.38 5.87 -16.17
CA LEU B 75 29.16 4.43 -15.93
C LEU B 75 29.14 3.55 -17.20
N PRO B 76 29.25 2.22 -17.02
CA PRO B 76 28.90 1.16 -17.96
C PRO B 76 27.45 1.18 -18.44
N LYS B 77 27.27 1.13 -19.77
CA LYS B 77 25.95 1.23 -20.42
C LYS B 77 24.79 0.54 -19.68
N ALA B 78 25.01 -0.71 -19.27
CA ALA B 78 24.00 -1.45 -18.55
C ALA B 78 23.64 -0.66 -17.31
N LYS B 79 24.66 -0.44 -16.49
CA LYS B 79 24.54 0.25 -15.21
C LYS B 79 23.83 1.59 -15.37
N ALA B 80 24.42 2.47 -16.18
CA ALA B 80 23.84 3.74 -16.54
C ALA B 80 22.34 3.61 -16.76
N ALA B 81 21.97 2.82 -17.77
CA ALA B 81 20.57 2.73 -18.18
C ALA B 81 19.65 2.12 -17.14
N GLU B 82 20.16 1.24 -16.27
CA GLU B 82 19.30 0.68 -15.22
C GLU B 82 19.06 1.72 -14.17
N VAL B 83 20.14 2.35 -13.75
CA VAL B 83 20.10 3.50 -12.85
C VAL B 83 19.03 4.50 -13.28
N LEU B 84 19.22 5.05 -14.47
CA LEU B 84 18.25 5.96 -15.06
C LEU B 84 16.84 5.32 -15.12
N SER B 85 16.79 4.01 -15.35
CA SER B 85 15.52 3.27 -15.46
C SER B 85 14.71 3.30 -14.17
N HIS B 86 15.38 3.38 -13.02
CA HIS B 86 14.68 3.35 -11.71
C HIS B 86 14.49 4.73 -11.07
N LEU B 87 14.86 5.80 -11.77
CA LEU B 87 14.59 7.16 -11.31
C LEU B 87 13.17 7.64 -11.61
N SER B 88 12.86 8.80 -11.06
CA SER B 88 11.61 9.49 -11.30
C SER B 88 11.63 10.08 -12.68
N PRO B 89 10.37 10.36 -13.23
CA PRO B 89 10.46 10.79 -14.63
C PRO B 89 11.26 12.07 -14.70
N GLU B 90 11.04 12.98 -13.75
CA GLU B 90 11.57 14.32 -13.94
C GLU B 90 13.10 14.41 -14.08
N GLU B 91 13.88 13.75 -13.24
CA GLU B 91 15.31 13.75 -13.52
C GLU B 91 15.65 12.72 -14.61
N GLN B 92 14.79 11.75 -14.84
CA GLN B 92 14.89 10.91 -16.03
C GLN B 92 15.00 11.81 -17.28
N ALA B 93 13.94 12.58 -17.52
CA ALA B 93 13.91 13.47 -18.67
C ALA B 93 15.02 14.52 -18.60
N GLU B 94 15.30 14.98 -17.38
CA GLU B 94 16.30 16.00 -17.14
C GLU B 94 17.65 15.56 -17.67
N TYR B 95 18.01 14.31 -17.36
CA TYR B 95 19.30 13.76 -17.73
C TYR B 95 19.27 13.24 -19.17
N LEU B 96 18.10 12.87 -19.67
CA LEU B 96 18.01 12.56 -21.08
C LEU B 96 18.31 13.81 -21.92
N LYS B 97 17.97 14.98 -21.37
CA LYS B 97 18.23 16.29 -22.01
C LYS B 97 19.68 16.74 -21.83
N THR B 98 20.13 16.72 -20.58
CA THR B 98 21.46 17.20 -20.23
C THR B 98 22.59 16.34 -20.78
N LEU B 99 22.41 15.02 -20.71
CA LEU B 99 23.46 14.08 -21.11
C LEU B 99 23.92 14.35 -22.53
N PRO B 100 25.14 13.91 -22.86
CA PRO B 100 25.68 14.08 -24.21
C PRO B 100 24.99 13.18 -25.23
N PRO B 101 24.80 13.67 -26.46
CA PRO B 101 24.03 12.95 -27.49
C PRO B 101 24.49 11.49 -27.69
N TRP B 102 25.79 11.26 -27.54
CA TRP B 102 26.37 9.93 -27.70
C TRP B 102 26.05 8.97 -26.55
N ARG B 103 26.24 9.45 -25.32
CA ARG B 103 25.93 8.64 -24.16
C ARG B 103 24.42 8.49 -24.02
N LEU B 104 23.67 9.48 -24.46
CA LEU B 104 22.23 9.32 -24.39
C LEU B 104 21.83 8.29 -25.47
N ARG B 105 22.58 8.23 -26.57
CA ARG B 105 22.34 7.19 -27.56
C ARG B 105 22.60 5.79 -27.00
N GLU B 106 23.73 5.59 -26.29
CA GLU B 106 23.98 4.27 -25.71
C GLU B 106 22.96 3.90 -24.65
N ILE B 107 22.68 4.84 -23.75
CA ILE B 107 21.73 4.60 -22.67
C ILE B 107 20.38 4.24 -23.26
N LEU B 108 19.89 5.10 -24.15
CA LEU B 108 18.68 4.82 -24.90
C LEU B 108 18.67 3.40 -25.46
N GLU B 109 19.80 2.96 -26.03
CA GLU B 109 19.84 1.61 -26.63
C GLU B 109 19.78 0.48 -25.58
N GLU B 110 20.74 0.45 -24.65
CA GLU B 110 20.84 -0.67 -23.71
C GLU B 110 19.76 -0.61 -22.66
N LEU B 111 18.74 0.19 -22.93
CA LEU B 111 17.60 0.34 -22.04
C LEU B 111 16.49 -0.64 -22.41
N SER B 112 15.77 -1.16 -21.42
CA SER B 112 14.66 -2.05 -21.75
C SER B 112 13.55 -1.26 -22.42
N LEU B 113 12.60 -1.95 -23.03
CA LEU B 113 11.69 -1.28 -23.97
C LEU B 113 10.46 -0.71 -23.31
N ASP B 114 9.98 -1.33 -22.23
CA ASP B 114 8.89 -0.70 -21.50
C ASP B 114 9.47 0.54 -20.87
N ASP B 115 10.71 0.43 -20.42
CA ASP B 115 11.43 1.52 -19.78
C ASP B 115 11.84 2.65 -20.74
N LEU B 116 12.24 2.28 -21.95
CA LEU B 116 12.50 3.27 -23.00
C LEU B 116 11.21 4.01 -23.28
N ALA B 117 10.14 3.25 -23.48
CA ALA B 117 8.81 3.82 -23.69
C ALA B 117 8.50 4.87 -22.64
N ASP B 118 8.58 4.46 -21.38
CA ASP B 118 8.31 5.34 -20.26
C ASP B 118 9.18 6.59 -20.32
N ALA B 119 10.51 6.46 -20.32
CA ALA B 119 11.39 7.64 -20.33
C ALA B 119 11.10 8.64 -21.45
N LEU B 120 10.97 8.11 -22.66
CA LEU B 120 10.50 8.92 -23.78
C LEU B 120 9.18 9.61 -23.47
N GLN B 121 8.28 8.91 -22.77
CA GLN B 121 6.94 9.44 -22.48
C GLN B 121 7.02 10.59 -21.51
N ALA B 122 8.02 10.54 -20.61
CA ALA B 122 8.24 11.62 -19.66
C ALA B 122 8.76 12.85 -20.38
N VAL B 123 9.85 12.71 -21.14
CA VAL B 123 10.28 13.83 -21.99
C VAL B 123 9.12 14.33 -22.88
N ARG B 124 8.21 13.44 -23.24
CA ARG B 124 7.05 13.77 -24.08
C ARG B 124 6.05 14.64 -23.33
N LYS B 125 5.81 14.33 -22.06
CA LYS B 125 4.96 15.18 -21.23
C LYS B 125 5.60 16.55 -21.09
N GLU B 126 6.85 16.55 -20.63
CA GLU B 126 7.58 17.79 -20.37
C GLU B 126 7.89 18.59 -21.65
N ASP B 127 8.74 18.06 -22.52
CA ASP B 127 9.20 18.79 -23.71
C ASP B 127 8.99 18.01 -25.03
N PRO B 128 7.88 18.31 -25.73
CA PRO B 128 7.48 17.62 -26.97
C PRO B 128 8.51 17.56 -28.10
N ALA B 129 9.41 18.53 -28.18
CA ALA B 129 10.36 18.54 -29.29
C ALA B 129 11.55 17.60 -29.05
N TYR B 130 12.20 17.73 -27.90
CA TYR B 130 13.38 16.92 -27.65
C TYR B 130 12.98 15.46 -27.44
N PHE B 131 11.68 15.19 -27.38
CA PHE B 131 11.18 13.83 -27.39
C PHE B 131 11.54 13.18 -28.73
N GLN B 132 11.08 13.77 -29.84
CA GLN B 132 11.36 13.22 -31.17
C GLN B 132 12.80 13.47 -31.62
N ARG B 133 13.41 14.52 -31.07
CA ARG B 133 14.82 14.80 -31.33
C ARG B 133 15.70 13.70 -30.70
N LEU B 134 15.34 13.33 -29.47
CA LEU B 134 16.03 12.28 -28.74
C LEU B 134 15.79 10.96 -29.44
N LYS B 135 14.53 10.69 -29.78
CA LYS B 135 14.22 9.39 -30.37
C LYS B 135 14.59 9.37 -31.86
N ASP B 136 15.17 10.46 -32.33
CA ASP B 136 15.83 10.44 -33.62
C ASP B 136 17.19 9.76 -33.50
N LEU B 137 17.57 9.40 -32.28
CA LEU B 137 18.84 8.69 -32.05
C LEU B 137 18.54 7.20 -31.95
N LEU B 138 17.24 6.89 -31.98
CA LEU B 138 16.75 5.52 -31.83
C LEU B 138 16.69 4.75 -33.15
N ASP B 139 17.20 3.51 -33.14
CA ASP B 139 17.21 2.66 -34.34
C ASP B 139 15.82 2.11 -34.65
N PRO B 140 15.50 1.96 -35.94
CA PRO B 140 14.14 1.69 -36.45
C PRO B 140 13.47 0.46 -35.86
N ARG B 141 14.22 -0.61 -35.68
CA ARG B 141 13.66 -1.78 -35.04
C ARG B 141 13.20 -1.40 -33.62
N THR B 142 14.06 -0.73 -32.86
CA THR B 142 13.73 -0.26 -31.52
C THR B 142 12.64 0.81 -31.54
N ARG B 143 12.93 1.88 -32.28
CA ARG B 143 12.03 3.01 -32.40
C ARG B 143 10.59 2.62 -32.71
N ALA B 144 10.39 1.74 -33.69
CA ALA B 144 9.05 1.28 -34.06
C ALA B 144 8.31 0.70 -32.87
N GLU B 145 9.02 -0.10 -32.09
CA GLU B 145 8.44 -0.70 -30.93
C GLU B 145 8.03 0.38 -29.96
N VAL B 146 8.93 1.35 -29.77
CA VAL B 146 8.66 2.41 -28.82
C VAL B 146 7.39 3.15 -29.21
N GLU B 147 7.30 3.50 -30.50
CA GLU B 147 6.10 4.09 -31.08
C GLU B 147 4.87 3.30 -30.67
N ALA B 148 4.88 2.00 -30.94
CA ALA B 148 3.73 1.16 -30.64
C ALA B 148 3.42 1.07 -29.14
N LEU B 149 4.41 1.34 -28.31
CA LEU B 149 4.17 1.31 -26.87
C LEU B 149 3.59 2.63 -26.34
N ALA B 150 4.13 3.76 -26.80
CA ALA B 150 3.71 5.07 -26.31
C ALA B 150 2.24 5.37 -26.55
N ARG B 151 1.65 4.75 -27.58
CA ARG B 151 0.22 4.94 -27.88
C ARG B 151 -0.71 4.49 -26.74
N TYR B 152 -0.33 3.44 -26.01
CA TYR B 152 -1.16 2.95 -24.90
C TYR B 152 -1.08 3.84 -23.67
N GLU B 153 -2.15 3.86 -22.87
CA GLU B 153 -2.21 4.75 -21.70
C GLU B 153 -1.47 4.19 -20.50
N GLU B 154 -0.50 4.95 -20.00
CA GLU B 154 0.51 4.49 -19.03
C GLU B 154 -0.01 3.85 -17.75
N ASP B 155 -1.28 4.04 -17.45
CA ASP B 155 -1.89 3.43 -16.28
C ASP B 155 -2.69 2.21 -16.70
N GLU B 156 -2.48 1.80 -17.94
CA GLU B 156 -3.17 0.62 -18.46
C GLU B 156 -2.12 -0.41 -18.86
N ALA B 157 -2.55 -1.65 -19.09
CA ALA B 157 -1.62 -2.77 -19.25
C ALA B 157 -0.70 -2.61 -20.44
N GLY B 158 -1.25 -2.08 -21.53
CA GLY B 158 -0.45 -1.75 -22.69
C GLY B 158 0.67 -0.77 -22.38
N GLY B 159 0.56 -0.09 -21.25
CA GLY B 159 1.47 0.99 -20.93
C GLY B 159 2.65 0.58 -20.09
N LEU B 160 2.54 -0.60 -19.48
CA LEU B 160 3.62 -1.12 -18.67
C LEU B 160 4.08 -2.51 -19.15
N MET B 161 3.77 -2.82 -20.41
CA MET B 161 4.17 -4.10 -21.02
C MET B 161 5.43 -3.99 -21.86
N THR B 162 6.16 -5.11 -22.00
CA THR B 162 7.30 -5.17 -22.92
C THR B 162 7.00 -6.09 -24.10
N PRO B 163 7.64 -5.84 -25.24
CA PRO B 163 7.44 -6.75 -26.37
C PRO B 163 8.57 -7.78 -26.50
N GLU B 164 9.56 -7.75 -25.61
CA GLU B 164 10.68 -8.69 -25.65
C GLU B 164 10.32 -9.99 -24.93
N TYR B 165 9.27 -10.65 -25.42
CA TYR B 165 8.81 -11.93 -24.89
C TYR B 165 9.05 -13.03 -25.89
N VAL B 166 9.08 -14.28 -25.42
CA VAL B 166 9.38 -15.43 -26.27
C VAL B 166 8.13 -16.25 -26.57
N ALA B 167 7.78 -16.29 -27.85
CA ALA B 167 6.63 -17.03 -28.34
C ALA B 167 7.05 -18.07 -29.39
N VAL B 168 6.54 -19.28 -29.20
CA VAL B 168 6.92 -20.43 -30.01
C VAL B 168 5.60 -21.06 -30.50
N ARG B 169 5.56 -21.60 -31.72
CA ARG B 169 4.33 -22.20 -32.26
C ARG B 169 4.16 -23.64 -31.77
N GLU B 170 2.93 -24.16 -31.73
CA GLU B 170 2.69 -25.47 -31.10
C GLU B 170 3.30 -26.61 -31.89
N GLY B 171 3.58 -26.35 -33.16
CA GLY B 171 4.15 -27.36 -34.04
C GLY B 171 5.62 -27.67 -33.76
N MET B 172 6.10 -27.30 -32.60
CA MET B 172 7.48 -27.62 -32.23
C MET B 172 7.55 -28.88 -31.38
N THR B 173 8.77 -29.30 -31.09
CA THR B 173 8.96 -30.28 -30.04
C THR B 173 9.79 -29.58 -28.98
N VAL B 174 9.77 -30.11 -27.76
CA VAL B 174 10.55 -29.52 -26.66
C VAL B 174 12.00 -29.23 -27.07
N GLU B 175 12.59 -30.17 -27.81
CA GLU B 175 13.91 -30.01 -28.41
C GLU B 175 14.07 -28.69 -29.16
N GLU B 176 13.14 -28.46 -30.08
CA GLU B 176 13.15 -27.30 -30.95
C GLU B 176 12.93 -26.00 -30.19
N VAL B 177 12.11 -26.06 -29.15
CA VAL B 177 11.87 -24.89 -28.33
C VAL B 177 13.10 -24.56 -27.52
N LEU B 178 13.76 -25.54 -26.90
CA LEU B 178 15.00 -25.24 -26.19
C LEU B 178 16.04 -24.66 -27.16
N ARG B 179 16.05 -25.17 -28.39
CA ARG B 179 16.91 -24.60 -29.42
C ARG B 179 16.63 -23.12 -29.56
N PHE B 180 15.33 -22.83 -29.71
CA PHE B 180 14.82 -21.46 -29.88
C PHE B 180 15.13 -20.56 -28.68
N LEU B 181 15.08 -21.13 -27.47
CA LEU B 181 15.35 -20.39 -26.26
C LEU B 181 16.79 -20.00 -26.17
N ARG B 182 17.69 -20.94 -26.36
CA ARG B 182 19.09 -20.57 -26.33
C ARG B 182 19.38 -19.55 -27.44
N ARG B 183 18.63 -19.60 -28.54
CA ARG B 183 18.97 -18.70 -29.65
C ARG B 183 18.29 -17.35 -29.57
N ALA B 184 17.25 -17.24 -28.74
CA ALA B 184 16.44 -16.02 -28.66
C ALA B 184 16.55 -15.34 -27.29
N ALA B 185 17.27 -15.99 -26.37
CA ALA B 185 17.54 -15.48 -25.01
C ALA B 185 18.33 -14.17 -24.86
N PRO B 186 19.17 -13.78 -25.84
CA PRO B 186 19.91 -12.57 -25.50
C PRO B 186 19.05 -11.29 -25.56
N ASP B 187 17.87 -11.39 -26.16
CA ASP B 187 17.07 -10.20 -26.42
C ASP B 187 15.72 -10.30 -25.74
N ALA B 188 15.57 -11.25 -24.84
CA ALA B 188 14.26 -11.46 -24.23
C ALA B 188 14.18 -10.88 -22.82
N GLU B 189 12.96 -10.61 -22.36
CA GLU B 189 12.82 -10.15 -20.99
C GLU B 189 12.74 -11.36 -20.09
N THR B 190 11.99 -12.36 -20.53
CA THR B 190 12.00 -13.63 -19.81
C THR B 190 11.70 -14.84 -20.69
N ILE B 191 12.53 -15.87 -20.51
CA ILE B 191 12.46 -17.09 -21.29
C ILE B 191 11.89 -18.20 -20.45
N TYR B 192 11.26 -17.83 -19.34
CA TYR B 192 10.70 -18.82 -18.45
C TYR B 192 9.27 -19.11 -18.83
N TYR B 193 8.66 -18.24 -19.63
CA TYR B 193 7.30 -18.51 -20.08
C TYR B 193 7.19 -18.34 -21.57
N ILE B 194 6.90 -19.44 -22.22
CA ILE B 194 6.85 -19.44 -23.66
C ILE B 194 5.40 -19.43 -24.03
N TYR B 195 5.08 -18.72 -25.11
CA TYR B 195 3.68 -18.50 -25.46
C TYR B 195 3.34 -19.03 -26.85
N VAL B 196 2.47 -20.05 -26.90
CA VAL B 196 2.10 -20.65 -28.19
C VAL B 196 0.89 -19.95 -28.83
N VAL B 197 1.08 -19.60 -30.10
CA VAL B 197 0.17 -18.76 -30.88
C VAL B 197 -0.25 -19.45 -32.21
N ASP B 198 -1.06 -18.77 -33.03
CA ASP B 198 -1.53 -19.38 -34.28
C ASP B 198 -0.96 -18.68 -35.52
N GLU B 199 -1.43 -19.14 -36.68
CA GLU B 199 -0.95 -18.64 -37.97
C GLU B 199 -1.26 -17.16 -38.13
N LYS B 200 -2.36 -16.71 -37.54
CA LYS B 200 -2.78 -15.32 -37.66
C LYS B 200 -2.43 -14.48 -36.44
N GLY B 201 -1.89 -15.13 -35.40
CA GLY B 201 -1.30 -14.41 -34.27
C GLY B 201 -1.95 -14.58 -32.90
N ARG B 202 -3.17 -15.11 -32.89
CA ARG B 202 -3.96 -15.25 -31.67
C ARG B 202 -3.19 -16.03 -30.58
N LEU B 203 -3.67 -15.95 -29.35
CA LEU B 203 -3.07 -16.71 -28.27
C LEU B 203 -3.71 -18.12 -28.19
N LYS B 204 -2.88 -19.15 -28.07
CA LYS B 204 -3.37 -20.51 -28.00
C LYS B 204 -3.01 -21.22 -26.69
N GLY B 205 -1.88 -20.85 -26.07
CA GLY B 205 -1.50 -21.42 -24.77
C GLY B 205 -0.17 -21.05 -24.12
N VAL B 206 0.12 -21.64 -22.96
CA VAL B 206 1.30 -21.22 -22.17
C VAL B 206 2.15 -22.38 -21.61
N LEU B 207 3.46 -22.22 -21.73
CA LEU B 207 4.42 -23.21 -21.28
C LEU B 207 5.34 -22.66 -20.25
N SER B 208 5.63 -23.43 -19.21
CA SER B 208 6.72 -23.05 -18.33
C SER B 208 7.98 -23.76 -18.74
N LEU B 209 9.10 -23.05 -18.70
CA LEU B 209 10.40 -23.65 -18.99
C LEU B 209 10.65 -24.94 -18.19
N ARG B 210 10.10 -25.02 -16.99
CA ARG B 210 10.23 -26.23 -16.19
C ARG B 210 9.58 -27.42 -16.88
N ASP B 211 8.39 -27.19 -17.43
CA ASP B 211 7.65 -28.24 -18.14
C ASP B 211 8.43 -28.74 -19.36
N LEU B 212 9.13 -27.84 -20.03
CA LEU B 212 10.05 -28.20 -21.10
C LEU B 212 11.20 -29.05 -20.59
N ILE B 213 11.90 -28.51 -19.60
CA ILE B 213 13.10 -29.14 -19.05
C ILE B 213 12.85 -30.56 -18.53
N VAL B 214 11.68 -30.79 -17.95
CA VAL B 214 11.39 -32.10 -17.40
C VAL B 214 10.76 -33.06 -18.45
N ALA B 215 10.32 -32.51 -19.59
CA ALA B 215 9.69 -33.29 -20.67
C ALA B 215 10.70 -34.00 -21.58
N ASP B 216 10.33 -35.19 -22.06
CA ASP B 216 11.19 -35.93 -22.99
C ASP B 216 11.25 -35.15 -24.30
N PRO B 217 12.47 -34.72 -24.69
CA PRO B 217 12.69 -33.79 -25.79
C PRO B 217 11.96 -34.16 -27.07
N ARG B 218 11.71 -35.44 -27.27
CA ARG B 218 10.98 -35.86 -28.45
C ARG B 218 9.53 -35.38 -28.41
N THR B 219 9.04 -35.01 -27.23
CA THR B 219 7.61 -34.72 -27.06
C THR B 219 7.15 -33.49 -27.88
N ARG B 220 5.98 -33.61 -28.51
CA ARG B 220 5.35 -32.49 -29.20
C ARG B 220 4.99 -31.42 -28.18
N VAL B 221 5.01 -30.15 -28.58
CA VAL B 221 4.79 -29.04 -27.63
C VAL B 221 3.35 -28.94 -27.11
N ALA B 222 2.38 -28.93 -28.04
CA ALA B 222 0.97 -28.73 -27.69
C ALA B 222 0.43 -29.84 -26.76
N GLU B 223 1.27 -30.87 -26.57
CA GLU B 223 0.99 -31.93 -25.62
C GLU B 223 1.18 -31.46 -24.18
N ILE B 224 2.25 -30.71 -23.93
CA ILE B 224 2.52 -30.30 -22.55
C ILE B 224 2.15 -28.86 -22.26
N MET B 225 1.62 -28.15 -23.27
CA MET B 225 1.22 -26.77 -23.08
C MET B 225 -0.09 -26.61 -22.28
N ASN B 226 -0.46 -25.36 -22.04
CA ASN B 226 -1.71 -25.08 -21.37
C ASN B 226 -2.56 -24.14 -22.21
N PRO B 227 -3.68 -24.64 -22.73
CA PRO B 227 -4.63 -23.82 -23.49
C PRO B 227 -5.48 -22.90 -22.60
N LYS B 228 -5.61 -23.26 -21.33
CA LYS B 228 -6.32 -22.43 -20.35
C LYS B 228 -5.40 -21.31 -19.84
N VAL B 229 -4.94 -20.46 -20.75
CA VAL B 229 -3.99 -19.40 -20.40
C VAL B 229 -4.73 -18.10 -20.03
N VAL B 230 -4.62 -17.69 -18.77
CA VAL B 230 -5.23 -16.43 -18.36
C VAL B 230 -4.36 -15.30 -18.81
N TYR B 231 -4.99 -14.37 -19.52
CA TYR B 231 -4.33 -13.22 -20.11
C TYR B 231 -4.83 -11.93 -19.51
N VAL B 232 -4.40 -10.82 -20.11
CA VAL B 232 -4.81 -9.49 -19.70
C VAL B 232 -4.96 -8.69 -20.99
N ARG B 233 -6.00 -7.86 -21.09
CA ARG B 233 -6.23 -7.15 -22.34
C ARG B 233 -5.43 -5.86 -22.32
N THR B 234 -5.35 -5.16 -23.44
CA THR B 234 -4.50 -3.98 -23.51
C THR B 234 -5.04 -2.80 -22.69
N ASP B 235 -6.35 -2.55 -22.78
CA ASP B 235 -6.96 -1.38 -22.16
C ASP B 235 -7.08 -1.51 -20.65
N THR B 236 -6.86 -2.72 -20.15
CA THR B 236 -7.04 -3.05 -18.74
C THR B 236 -6.30 -2.11 -17.79
N ASP B 237 -6.91 -1.87 -16.63
CA ASP B 237 -6.37 -0.99 -15.59
C ASP B 237 -5.20 -1.62 -14.85
N GLN B 238 -4.18 -0.84 -14.57
CA GLN B 238 -3.00 -1.41 -14.00
C GLN B 238 -3.47 -2.11 -12.76
N GLU B 239 -4.38 -1.48 -12.05
CA GLU B 239 -4.75 -2.01 -10.74
C GLU B 239 -5.27 -3.41 -10.90
N GLU B 240 -6.04 -3.63 -11.97
CA GLU B 240 -6.61 -4.95 -12.25
C GLU B 240 -5.51 -5.97 -12.57
N VAL B 241 -4.60 -5.59 -13.46
CA VAL B 241 -3.39 -6.34 -13.71
C VAL B 241 -2.69 -6.70 -12.38
N ALA B 242 -2.36 -5.69 -11.59
CA ALA B 242 -1.77 -5.98 -10.27
C ALA B 242 -2.57 -7.06 -9.51
N ARG B 243 -3.88 -6.88 -9.43
CA ARG B 243 -4.76 -7.82 -8.75
C ARG B 243 -4.55 -9.26 -9.27
N LEU B 244 -4.64 -9.43 -10.60
CA LEU B 244 -4.46 -10.75 -11.29
C LEU B 244 -3.19 -11.45 -10.91
N MET B 245 -2.07 -10.78 -11.22
CA MET B 245 -0.77 -11.35 -10.96
C MET B 245 -0.56 -11.62 -9.47
N ALA B 246 -1.24 -10.88 -8.61
CA ALA B 246 -1.11 -11.12 -7.16
C ALA B 246 -1.93 -12.31 -6.69
N ASP B 247 -3.04 -12.55 -7.38
CA ASP B 247 -3.88 -13.71 -7.18
C ASP B 247 -3.19 -15.00 -7.62
N TYR B 248 -3.03 -15.15 -8.93
CA TYR B 248 -2.62 -16.43 -9.54
C TYR B 248 -1.21 -16.88 -9.20
N ASP B 249 -0.48 -16.03 -8.48
CA ASP B 249 0.89 -16.31 -8.13
C ASP B 249 1.70 -16.53 -9.39
N PHE B 250 1.35 -15.74 -10.41
CA PHE B 250 2.12 -15.66 -11.64
C PHE B 250 3.27 -14.69 -11.53
N THR B 251 4.08 -14.62 -12.58
CA THR B 251 5.15 -13.65 -12.68
C THR B 251 5.20 -12.93 -14.02
N VAL B 252 4.48 -13.44 -14.99
CA VAL B 252 4.36 -12.82 -16.29
C VAL B 252 2.86 -12.70 -16.58
N LEU B 253 2.46 -11.76 -17.40
CA LEU B 253 1.09 -11.78 -17.86
C LEU B 253 1.08 -11.44 -19.34
N PRO B 254 0.21 -12.10 -20.09
CA PRO B 254 0.11 -11.94 -21.54
C PRO B 254 -0.90 -10.89 -21.92
N VAL B 255 -0.43 -9.85 -22.60
CA VAL B 255 -1.29 -8.77 -23.06
C VAL B 255 -1.83 -9.04 -24.46
N VAL B 256 -3.09 -8.67 -24.70
CA VAL B 256 -3.74 -8.94 -25.97
C VAL B 256 -4.56 -7.75 -26.48
N ASP B 257 -4.86 -7.74 -27.78
CA ASP B 257 -5.74 -6.74 -28.38
C ASP B 257 -7.20 -7.22 -28.33
N GLU B 258 -8.09 -6.60 -29.11
CA GLU B 258 -9.47 -7.09 -29.17
C GLU B 258 -9.53 -8.47 -29.85
N GLU B 259 -8.74 -8.63 -30.91
CA GLU B 259 -8.72 -9.86 -31.70
C GLU B 259 -8.27 -11.07 -30.90
N GLY B 260 -7.42 -10.84 -29.89
CA GLY B 260 -6.91 -11.91 -29.07
C GLY B 260 -5.45 -12.21 -29.37
N ARG B 261 -4.84 -11.36 -30.19
CA ARG B 261 -3.43 -11.51 -30.57
C ARG B 261 -2.49 -11.06 -29.47
N LEU B 262 -1.31 -11.68 -29.40
CA LEU B 262 -0.32 -11.34 -28.38
C LEU B 262 0.44 -10.08 -28.77
N VAL B 263 0.47 -9.07 -27.90
CA VAL B 263 1.21 -7.84 -28.23
C VAL B 263 2.37 -7.59 -27.26
N GLY B 264 2.34 -8.21 -26.09
CA GLY B 264 3.44 -8.03 -25.15
C GLY B 264 3.25 -8.69 -23.80
N ILE B 265 4.24 -8.59 -22.92
CA ILE B 265 4.08 -9.17 -21.60
C ILE B 265 4.39 -8.20 -20.48
N VAL B 266 3.81 -8.47 -19.30
CA VAL B 266 3.97 -7.68 -18.07
C VAL B 266 4.73 -8.46 -17.01
N THR B 267 5.74 -7.82 -16.41
CA THR B 267 6.60 -8.45 -15.40
C THR B 267 6.10 -8.18 -13.98
N VAL B 268 6.50 -9.01 -13.02
CA VAL B 268 6.05 -8.84 -11.65
C VAL B 268 6.73 -7.67 -10.99
N ASP B 269 7.94 -7.31 -11.41
CA ASP B 269 8.64 -6.23 -10.71
C ASP B 269 7.90 -4.91 -10.97
N ASP B 270 7.60 -4.64 -12.24
CA ASP B 270 6.89 -3.43 -12.63
C ASP B 270 5.47 -3.45 -12.05
N VAL B 271 4.90 -4.63 -11.85
CA VAL B 271 3.57 -4.72 -11.23
C VAL B 271 3.68 -4.46 -9.73
N LEU B 272 4.87 -4.63 -9.18
CA LEU B 272 5.07 -4.54 -7.75
C LEU B 272 5.30 -3.07 -7.37
N ASP B 273 5.91 -2.34 -8.29
CA ASP B 273 6.05 -0.90 -8.16
C ASP B 273 4.71 -0.28 -8.45
N VAL B 274 3.96 -0.89 -9.36
CA VAL B 274 2.59 -0.47 -9.61
C VAL B 274 1.79 -0.58 -8.33
N LEU B 275 1.93 -1.71 -7.62
CA LEU B 275 1.15 -1.94 -6.41
C LEU B 275 1.53 -0.88 -5.41
N GLU B 276 2.84 -0.72 -5.14
CA GLU B 276 3.25 0.36 -4.23
C GLU B 276 2.65 1.73 -4.61
N ALA B 277 2.74 2.10 -5.88
CA ALA B 277 2.16 3.36 -6.33
C ALA B 277 0.69 3.42 -6.01
N GLU B 278 -0.09 2.53 -6.62
CA GLU B 278 -1.53 2.49 -6.43
C GLU B 278 -1.91 2.64 -4.96
N ALA B 279 -1.12 2.02 -4.09
CA ALA B 279 -1.36 2.13 -2.65
C ALA B 279 -1.10 3.53 -2.17
N THR B 280 0.15 3.96 -2.30
CA THR B 280 0.61 5.28 -1.85
C THR B 280 -0.32 6.42 -2.37
N GLU B 281 -0.82 6.27 -3.58
CA GLU B 281 -1.87 7.13 -4.08
C GLU B 281 -3.13 6.99 -3.24
N ASP B 282 -3.56 5.76 -2.99
CA ASP B 282 -4.78 5.58 -2.18
C ASP B 282 -4.65 6.34 -0.85
N ILE B 283 -3.51 6.22 -0.18
CA ILE B 283 -3.36 6.88 1.13
C ILE B 283 -3.16 8.41 1.10
N HIS B 284 -2.41 8.91 0.11
CA HIS B 284 -2.46 10.34 -0.15
C HIS B 284 -3.93 10.80 -0.27
N LYS B 285 -4.72 10.12 -1.08
CA LYS B 285 -6.14 10.47 -1.24
C LYS B 285 -6.82 10.44 0.13
N LEU B 286 -6.35 9.58 1.02
CA LEU B 286 -6.87 9.60 2.38
C LEU B 286 -6.53 10.89 3.13
N GLY B 287 -5.44 11.57 2.73
CA GLY B 287 -5.09 12.82 3.40
C GLY B 287 -5.41 14.09 2.61
N ALA B 288 -6.46 13.99 1.80
CA ALA B 288 -6.97 15.05 0.93
C ALA B 288 -5.92 15.69 0.00
N VAL B 289 -4.90 14.91 -0.37
CA VAL B 289 -3.89 15.31 -1.35
C VAL B 289 -4.20 14.61 -2.68
N ASP B 290 -4.35 15.34 -3.79
CA ASP B 290 -4.92 14.73 -4.99
C ASP B 290 -4.11 14.82 -6.27
N VAL B 291 -2.89 14.29 -6.24
CA VAL B 291 -2.09 14.13 -7.45
C VAL B 291 -1.68 12.68 -7.55
N PRO B 292 -1.90 12.08 -8.74
CA PRO B 292 -1.58 10.66 -9.01
C PRO B 292 -0.24 10.19 -8.43
N ASP B 293 0.87 10.60 -9.04
CA ASP B 293 2.17 10.15 -8.56
C ASP B 293 2.97 11.28 -7.95
N LEU B 294 2.77 11.57 -6.67
CA LEU B 294 3.54 12.63 -6.04
C LEU B 294 4.78 12.03 -5.38
N VAL B 295 5.92 12.66 -5.61
CA VAL B 295 7.09 12.35 -4.84
C VAL B 295 7.46 13.56 -4.06
N TYR B 296 7.36 13.47 -2.76
CA TYR B 296 7.58 14.64 -1.93
C TYR B 296 9.02 15.16 -2.03
N SER B 297 9.98 14.26 -2.13
CA SER B 297 11.38 14.69 -1.98
C SER B 297 11.87 15.52 -3.17
N GLU B 298 11.14 15.50 -4.29
CA GLU B 298 11.52 16.34 -5.42
C GLU B 298 10.43 17.31 -5.87
N ALA B 299 9.32 17.38 -5.14
CA ALA B 299 8.27 18.33 -5.49
C ALA B 299 8.52 19.68 -4.81
N GLY B 300 8.39 20.75 -5.58
CA GLY B 300 8.59 22.08 -5.04
C GLY B 300 7.41 22.53 -4.22
N PRO B 301 7.64 23.54 -3.33
CA PRO B 301 6.68 24.25 -2.48
C PRO B 301 5.41 24.69 -3.20
N VAL B 302 5.59 25.16 -4.44
CA VAL B 302 4.50 25.47 -5.33
C VAL B 302 3.62 24.25 -5.71
N ALA B 303 4.24 23.10 -5.98
CA ALA B 303 3.47 21.93 -6.40
C ALA B 303 2.69 21.31 -5.23
N LEU B 304 3.38 21.18 -4.10
CA LEU B 304 2.76 20.75 -2.84
C LEU B 304 1.59 21.68 -2.61
N TRP B 305 1.90 22.96 -2.74
CA TRP B 305 0.90 24.00 -2.65
C TRP B 305 -0.34 23.65 -3.47
N LEU B 306 -0.20 23.52 -4.79
CA LEU B 306 -1.32 23.17 -5.66
C LEU B 306 -2.14 21.98 -5.12
N ALA B 307 -1.44 20.85 -5.13
CA ALA B 307 -1.96 19.55 -4.71
C ALA B 307 -2.91 19.68 -3.51
N ARG B 308 -2.40 20.32 -2.45
CA ARG B 308 -3.16 20.48 -1.21
C ARG B 308 -4.28 21.55 -1.30
N VAL B 309 -3.91 22.68 -1.90
CA VAL B 309 -4.73 23.88 -1.96
C VAL B 309 -6.13 23.54 -2.42
N ARG B 310 -6.25 22.67 -3.41
CA ARG B 310 -7.62 22.40 -3.93
C ARG B 310 -8.63 21.88 -2.87
N TRP B 311 -8.27 20.81 -2.18
CA TRP B 311 -9.18 20.19 -1.18
C TRP B 311 -9.18 20.94 0.14
N LEU B 312 -8.05 21.53 0.48
CA LEU B 312 -7.96 22.33 1.68
C LEU B 312 -8.98 23.47 1.55
N VAL B 313 -9.03 24.07 0.36
CA VAL B 313 -10.03 25.08 0.00
C VAL B 313 -11.49 24.58 0.03
N ILE B 314 -11.73 23.43 -0.59
CA ILE B 314 -13.04 22.79 -0.49
C ILE B 314 -13.52 22.64 0.96
N LEU B 315 -12.59 22.23 1.81
CA LEU B 315 -12.91 21.94 3.20
C LEU B 315 -13.07 23.22 4.07
N ILE B 316 -12.31 24.27 3.75
CA ILE B 316 -12.52 25.53 4.47
C ILE B 316 -13.87 26.11 4.04
N LEU B 317 -14.23 26.00 2.77
CA LEU B 317 -15.57 26.43 2.34
C LEU B 317 -16.66 25.49 2.84
N THR B 318 -16.27 24.38 3.48
CA THR B 318 -17.25 23.62 4.22
C THR B 318 -17.36 24.16 5.65
N GLY B 319 -16.25 24.65 6.21
CA GLY B 319 -16.26 25.23 7.55
C GLY B 319 -17.01 26.56 7.75
N MET B 320 -17.05 27.36 6.71
CA MET B 320 -17.70 28.63 6.86
C MET B 320 -19.11 28.31 7.31
N VAL B 321 -19.74 27.34 6.68
CA VAL B 321 -21.04 26.90 7.15
C VAL B 321 -21.10 26.68 8.67
N THR B 322 -20.06 26.08 9.27
CA THR B 322 -20.08 25.87 10.72
C THR B 322 -20.16 27.21 11.42
N SER B 323 -19.41 28.17 10.88
CA SER B 323 -19.45 29.53 11.44
C SER B 323 -20.88 30.09 11.46
N SER B 324 -21.52 30.10 10.29
CA SER B 324 -22.92 30.57 10.24
C SER B 324 -23.89 29.71 11.07
N ILE B 325 -23.59 28.44 11.25
CA ILE B 325 -24.50 27.55 11.98
C ILE B 325 -24.46 27.94 13.46
N LEU B 326 -23.30 28.37 13.95
CA LEU B 326 -23.22 28.93 15.30
C LEU B 326 -23.95 30.26 15.37
N GLN B 327 -23.71 31.08 14.36
CA GLN B 327 -24.25 32.45 14.27
C GLN B 327 -25.77 32.56 14.35
N GLY B 328 -26.47 31.60 13.76
CA GLY B 328 -27.92 31.57 13.84
C GLY B 328 -28.44 30.89 15.09
N PHE B 329 -27.51 30.37 15.89
CA PHE B 329 -27.84 29.80 17.20
C PHE B 329 -27.29 30.70 18.33
N GLU B 330 -26.79 31.89 17.97
CA GLU B 330 -26.27 32.85 18.94
C GLU B 330 -27.22 33.08 20.12
N SER B 331 -28.52 33.06 19.84
CA SER B 331 -29.54 33.23 20.88
C SER B 331 -29.41 32.15 21.96
N VAL B 332 -29.42 30.88 21.56
CA VAL B 332 -29.34 29.81 22.55
C VAL B 332 -27.94 29.74 23.16
N LEU B 333 -26.95 30.28 22.45
CA LEU B 333 -25.55 30.19 22.88
C LEU B 333 -25.14 31.29 23.88
N GLU B 334 -25.84 32.42 23.86
CA GLU B 334 -25.51 33.51 24.79
C GLU B 334 -25.98 33.19 26.22
N ALA B 335 -26.95 32.28 26.33
CA ALA B 335 -27.49 31.88 27.62
C ALA B 335 -26.47 31.16 28.51
N VAL B 336 -25.86 30.09 27.97
CA VAL B 336 -24.86 29.27 28.68
C VAL B 336 -23.48 29.34 28.01
N THR B 337 -22.43 29.55 28.80
CA THR B 337 -21.08 29.61 28.24
C THR B 337 -20.32 28.30 28.41
N ALA B 338 -20.67 27.52 29.42
CA ALA B 338 -20.12 26.18 29.60
C ALA B 338 -20.37 25.37 28.33
N LEU B 339 -21.56 25.60 27.76
CA LEU B 339 -21.95 25.09 26.46
C LEU B 339 -20.83 25.19 25.42
N ALA B 340 -20.47 26.42 25.08
CA ALA B 340 -19.39 26.69 24.13
C ALA B 340 -18.05 26.15 24.63
N PHE B 341 -17.86 26.12 25.94
CA PHE B 341 -16.63 25.55 26.50
C PHE B 341 -16.46 24.08 26.09
N TYR B 342 -17.57 23.38 25.83
CA TYR B 342 -17.46 21.94 25.54
C TYR B 342 -17.56 21.49 24.06
N VAL B 343 -17.53 22.43 23.11
CA VAL B 343 -17.74 22.12 21.68
C VAL B 343 -16.56 21.40 20.96
N PRO B 344 -15.32 21.91 21.11
CA PRO B 344 -14.23 21.24 20.39
C PRO B 344 -14.15 19.75 20.71
N VAL B 345 -14.51 19.39 21.94
CA VAL B 345 -14.47 18.01 22.40
C VAL B 345 -15.44 17.13 21.63
N LEU B 346 -16.70 17.52 21.59
CA LEU B 346 -17.71 16.75 20.87
C LEU B 346 -17.40 16.68 19.39
N LEU B 347 -17.18 17.85 18.79
CA LEU B 347 -16.96 17.93 17.36
C LEU B 347 -15.76 17.05 16.93
N GLY B 348 -14.61 17.31 17.55
CA GLY B 348 -13.40 16.53 17.35
C GLY B 348 -13.60 15.04 17.57
N THR B 349 -14.40 14.68 18.56
CA THR B 349 -14.66 13.27 18.79
C THR B 349 -15.44 12.64 17.64
N GLY B 350 -16.49 13.31 17.18
CA GLY B 350 -17.24 12.83 16.04
C GLY B 350 -16.33 12.64 14.84
N GLY B 351 -15.57 13.69 14.55
CA GLY B 351 -14.56 13.65 13.50
C GLY B 351 -13.71 12.42 13.58
N ASN B 352 -13.26 12.09 14.79
CA ASN B 352 -12.42 10.92 14.98
C ASN B 352 -13.10 9.57 14.73
N THR B 353 -14.29 9.40 15.31
CA THR B 353 -15.03 8.15 15.13
C THR B 353 -15.32 7.91 13.65
N GLY B 354 -15.85 8.95 13.00
CA GLY B 354 -16.06 8.94 11.57
C GLY B 354 -14.77 8.65 10.79
N ASN B 355 -13.64 9.14 11.28
CA ASN B 355 -12.34 8.87 10.67
C ASN B 355 -12.02 7.38 10.69
N GLN B 356 -12.15 6.76 11.86
CA GLN B 356 -11.95 5.32 12.02
C GLN B 356 -12.83 4.46 11.09
N SER B 357 -14.14 4.70 11.14
CA SER B 357 -15.07 3.94 10.31
C SER B 357 -14.78 4.13 8.83
N ALA B 358 -14.65 5.40 8.44
CA ALA B 358 -14.32 5.73 7.07
C ALA B 358 -13.12 4.93 6.60
N THR B 359 -12.03 5.00 7.36
CA THR B 359 -10.81 4.25 7.04
C THR B 359 -11.08 2.77 6.88
N LEU B 360 -11.65 2.13 7.90
CA LEU B 360 -11.93 0.69 7.83
C LEU B 360 -12.66 0.31 6.56
N ILE B 361 -13.78 0.99 6.30
CA ILE B 361 -14.58 0.63 5.14
C ILE B 361 -13.88 0.92 3.81
N ILE B 362 -13.15 2.03 3.70
CA ILE B 362 -12.46 2.35 2.44
C ILE B 362 -11.40 1.30 2.13
N ARG B 363 -10.68 0.89 3.17
CA ARG B 363 -9.66 -0.14 3.04
C ARG B 363 -10.28 -1.46 2.62
N ALA B 364 -11.31 -1.89 3.34
CA ALA B 364 -12.02 -3.11 2.98
C ALA B 364 -12.68 -3.05 1.59
N LEU B 365 -12.91 -1.85 1.07
CA LEU B 365 -13.43 -1.72 -0.30
C LEU B 365 -12.33 -1.96 -1.31
N ALA B 366 -11.23 -1.23 -1.16
CA ALA B 366 -10.10 -1.36 -2.07
C ALA B 366 -9.46 -2.75 -2.02
N THR B 367 -9.65 -3.48 -0.92
CA THR B 367 -9.08 -4.82 -0.77
C THR B 367 -10.02 -5.90 -1.37
N ARG B 368 -11.16 -5.45 -1.86
CA ARG B 368 -12.22 -6.33 -2.38
C ARG B 368 -12.75 -7.30 -1.29
N ASP B 369 -12.55 -6.96 -0.01
CA ASP B 369 -13.13 -7.72 1.12
C ASP B 369 -14.59 -7.33 1.42
N LEU B 370 -15.08 -6.31 0.73
CA LEU B 370 -16.47 -5.93 0.85
C LEU B 370 -17.01 -5.50 -0.50
N ASP B 371 -18.22 -5.93 -0.82
CA ASP B 371 -18.79 -5.57 -2.09
C ASP B 371 -19.84 -4.48 -1.88
N LEU B 372 -20.14 -3.75 -2.95
CA LEU B 372 -21.08 -2.63 -2.92
C LEU B 372 -22.40 -3.00 -2.26
N ARG B 373 -22.75 -4.27 -2.33
CA ARG B 373 -24.04 -4.79 -1.87
C ARG B 373 -24.01 -5.16 -0.38
N ASP B 374 -22.84 -5.09 0.23
CA ASP B 374 -22.69 -5.47 1.62
C ASP B 374 -23.21 -4.38 2.55
N TRP B 375 -23.36 -3.17 2.00
CA TRP B 375 -23.57 -1.96 2.79
C TRP B 375 -24.66 -2.08 3.84
N ARG B 376 -25.79 -2.66 3.45
CA ARG B 376 -26.92 -2.83 4.37
C ARG B 376 -26.44 -3.52 5.65
N ARG B 377 -25.80 -4.67 5.50
CA ARG B 377 -25.23 -5.40 6.63
C ARG B 377 -24.42 -4.45 7.51
N VAL B 378 -23.51 -3.72 6.88
CA VAL B 378 -22.62 -2.77 7.56
C VAL B 378 -23.40 -1.71 8.35
N PHE B 379 -24.47 -1.21 7.74
CA PHE B 379 -25.30 -0.19 8.38
C PHE B 379 -25.78 -0.67 9.74
N LEU B 380 -26.00 -1.98 9.87
CA LEU B 380 -26.37 -2.55 11.16
C LEU B 380 -25.13 -2.75 12.01
N LYS B 381 -24.12 -3.35 11.39
CA LYS B 381 -22.92 -3.78 12.09
C LYS B 381 -22.28 -2.64 12.86
N GLU B 382 -22.03 -1.54 12.19
CA GLU B 382 -21.43 -0.36 12.81
C GLU B 382 -22.40 0.30 13.78
N MET B 383 -23.70 0.21 13.49
CA MET B 383 -24.74 0.88 14.26
C MET B 383 -24.53 0.63 15.73
N GLY B 384 -24.72 -0.62 16.14
CA GLY B 384 -24.45 -1.03 17.51
C GLY B 384 -23.10 -0.55 18.02
N VAL B 385 -22.07 -0.76 17.20
CA VAL B 385 -20.74 -0.31 17.55
C VAL B 385 -20.73 1.19 17.83
N GLY B 386 -21.29 1.97 16.91
CA GLY B 386 -21.38 3.41 17.06
C GLY B 386 -22.12 3.79 18.32
N LEU B 387 -23.05 2.93 18.73
CA LEU B 387 -23.75 3.12 19.99
C LEU B 387 -22.78 2.81 21.14
N LEU B 388 -22.17 1.63 21.13
CA LEU B 388 -21.29 1.20 22.21
C LEU B 388 -20.16 2.21 22.46
N LEU B 389 -19.54 2.68 21.37
CA LEU B 389 -18.46 3.65 21.47
C LEU B 389 -18.94 4.94 22.13
N GLY B 390 -20.16 5.35 21.83
CA GLY B 390 -20.70 6.59 22.36
C GLY B 390 -20.77 6.53 23.87
N LEU B 391 -21.64 5.64 24.35
CA LEU B 391 -21.85 5.41 25.77
C LEU B 391 -20.55 5.43 26.56
N THR B 392 -19.61 4.58 26.19
CA THR B 392 -18.32 4.54 26.86
C THR B 392 -17.65 5.91 26.88
N LEU B 393 -17.45 6.49 25.69
CA LEU B 393 -16.82 7.80 25.59
C LEU B 393 -17.60 8.83 26.39
N SER B 394 -18.90 8.59 26.54
CA SER B 394 -19.76 9.51 27.28
C SER B 394 -19.55 9.37 28.78
N PHE B 395 -19.42 8.13 29.25
CA PHE B 395 -19.20 7.87 30.67
C PHE B 395 -17.98 8.63 31.17
N LEU B 396 -16.97 8.75 30.32
CA LEU B 396 -15.79 9.54 30.67
C LEU B 396 -16.05 11.04 30.50
N LEU B 397 -16.73 11.42 29.42
CA LEU B 397 -16.87 12.84 29.13
C LEU B 397 -17.71 13.55 30.19
N VAL B 398 -18.85 12.97 30.53
CA VAL B 398 -19.69 13.50 31.60
C VAL B 398 -18.86 13.59 32.87
N GLY B 399 -17.92 12.65 33.02
CA GLY B 399 -17.00 12.63 34.14
C GLY B 399 -16.29 13.96 34.37
N LYS B 400 -15.93 14.64 33.28
CA LYS B 400 -15.33 15.98 33.43
C LYS B 400 -16.40 17.06 33.47
N VAL B 401 -17.48 16.87 32.71
CA VAL B 401 -18.55 17.86 32.65
C VAL B 401 -19.03 18.12 34.07
N TYR B 402 -19.11 17.05 34.84
CA TYR B 402 -19.42 17.11 36.27
C TYR B 402 -18.26 17.73 37.06
N TRP B 403 -17.06 17.22 36.80
CA TRP B 403 -15.87 17.66 37.52
C TRP B 403 -15.40 19.07 37.17
N ASP B 404 -15.48 19.46 35.88
CA ASP B 404 -14.90 20.73 35.42
C ASP B 404 -15.54 21.94 36.10
N GLY B 405 -16.59 21.70 36.88
CA GLY B 405 -17.20 22.75 37.68
C GLY B 405 -18.55 23.16 37.13
N HIS B 406 -19.02 22.39 36.16
CA HIS B 406 -20.31 22.68 35.53
C HIS B 406 -21.24 21.48 35.62
N PRO B 407 -21.75 21.20 36.82
CA PRO B 407 -22.72 20.11 36.97
C PRO B 407 -24.10 20.52 36.45
N LEU B 408 -24.20 21.79 36.02
CA LEU B 408 -25.44 22.48 35.62
C LEU B 408 -26.46 21.56 34.95
N LEU B 409 -26.06 20.99 33.83
CA LEU B 409 -26.81 19.90 33.20
C LEU B 409 -25.81 19.11 32.36
N LEU B 410 -25.50 17.91 32.84
CA LEU B 410 -24.61 17.01 32.14
C LEU B 410 -25.19 16.45 30.83
N PRO B 411 -26.49 16.05 30.79
CA PRO B 411 -27.06 15.48 29.56
C PRO B 411 -26.87 16.27 28.26
N VAL B 412 -26.97 17.59 28.33
CA VAL B 412 -26.82 18.44 27.14
C VAL B 412 -25.49 18.13 26.44
N VAL B 413 -24.50 17.72 27.22
CA VAL B 413 -23.23 17.34 26.67
C VAL B 413 -23.20 15.82 26.43
N GLY B 414 -23.37 15.02 27.47
CA GLY B 414 -23.25 13.57 27.36
C GLY B 414 -24.08 12.90 26.29
N VAL B 415 -25.38 13.18 26.32
CA VAL B 415 -26.28 12.70 25.28
C VAL B 415 -25.80 13.12 23.89
N SER B 416 -25.49 14.40 23.75
CA SER B 416 -24.96 14.95 22.50
C SER B 416 -23.72 14.20 22.02
N LEU B 417 -22.90 13.73 22.96
CA LEU B 417 -21.77 12.89 22.61
C LEU B 417 -22.25 11.58 22.06
N VAL B 418 -23.20 10.92 22.73
CA VAL B 418 -23.67 9.63 22.18
C VAL B 418 -24.22 9.81 20.77
N LEU B 419 -25.10 10.79 20.57
CA LEU B 419 -25.63 11.08 19.25
C LEU B 419 -24.54 11.42 18.22
N ILE B 420 -23.62 12.31 18.55
CA ILE B 420 -22.58 12.70 17.59
C ILE B 420 -21.58 11.57 17.25
N VAL B 421 -21.09 10.87 18.26
CA VAL B 421 -20.23 9.70 18.05
C VAL B 421 -20.92 8.73 17.12
N PHE B 422 -22.14 8.36 17.48
CA PHE B 422 -22.90 7.38 16.72
C PHE B 422 -23.08 7.84 15.27
N PHE B 423 -23.64 9.03 15.11
CA PHE B 423 -23.95 9.55 13.78
C PHE B 423 -22.71 9.72 12.90
N ALA B 424 -21.68 10.38 13.42
CA ALA B 424 -20.44 10.56 12.68
C ALA B 424 -19.87 9.21 12.26
N ASN B 425 -19.84 8.27 13.20
CA ASN B 425 -19.45 6.90 12.89
C ASN B 425 -20.16 6.39 11.66
N LEU B 426 -21.49 6.44 11.68
CA LEU B 426 -22.27 5.92 10.56
C LEU B 426 -21.96 6.66 9.25
N VAL B 427 -21.88 7.99 9.30
CA VAL B 427 -21.54 8.77 8.11
C VAL B 427 -20.20 8.36 7.48
N GLY B 428 -19.15 8.39 8.29
CA GLY B 428 -17.82 8.01 7.83
C GLY B 428 -17.86 6.61 7.27
N ALA B 429 -18.64 5.76 7.94
CA ALA B 429 -18.77 4.38 7.52
C ALA B 429 -19.42 4.27 6.15
N MET B 430 -20.34 5.18 5.82
CA MET B 430 -21.18 4.97 4.64
C MET B 430 -21.02 6.02 3.51
N LEU B 431 -20.04 6.91 3.64
CA LEU B 431 -19.74 7.83 2.54
C LEU B 431 -18.96 7.14 1.40
N PRO B 432 -17.99 6.24 1.72
CA PRO B 432 -17.28 5.54 0.64
C PRO B 432 -18.19 4.66 -0.24
N PHE B 433 -19.12 3.94 0.38
CA PHE B 433 -20.08 3.13 -0.38
C PHE B 433 -20.72 3.91 -1.50
N LEU B 434 -21.37 5.01 -1.10
CA LEU B 434 -22.07 5.86 -2.03
C LEU B 434 -21.12 6.45 -3.07
N LEU B 435 -19.92 6.87 -2.63
CA LEU B 435 -18.98 7.52 -3.55
C LEU B 435 -18.49 6.51 -4.59
N ARG B 436 -18.58 5.23 -4.23
CA ARG B 436 -18.19 4.11 -5.09
C ARG B 436 -19.29 3.69 -6.05
N ARG B 437 -20.53 3.76 -5.60
CA ARG B 437 -21.68 3.51 -6.47
C ARG B 437 -21.91 4.59 -7.51
N LEU B 438 -21.08 5.62 -7.54
CA LEU B 438 -21.25 6.66 -8.54
C LEU B 438 -20.14 6.56 -9.58
N GLY B 439 -19.29 5.56 -9.41
CA GLY B 439 -18.20 5.37 -10.34
C GLY B 439 -17.11 6.37 -10.04
N VAL B 440 -16.97 6.71 -8.76
CA VAL B 440 -15.94 7.63 -8.30
C VAL B 440 -15.06 6.89 -7.30
N ASP B 441 -13.76 7.16 -7.35
CA ASP B 441 -12.82 6.54 -6.41
C ASP B 441 -13.28 6.81 -4.99
N PRO B 442 -13.71 5.77 -4.27
CA PRO B 442 -14.17 6.05 -2.91
C PRO B 442 -13.03 6.39 -1.92
N ALA B 443 -11.80 6.48 -2.41
CA ALA B 443 -10.72 6.92 -1.54
C ALA B 443 -10.71 8.43 -1.41
N LEU B 444 -11.75 9.07 -1.95
CA LEU B 444 -11.90 10.53 -1.91
C LEU B 444 -12.55 10.99 -0.60
N VAL B 445 -13.24 10.03 0.05
CA VAL B 445 -13.79 10.20 1.39
C VAL B 445 -12.64 10.31 2.41
N SER B 446 -11.89 11.41 2.34
CA SER B 446 -10.68 11.57 3.16
C SER B 446 -11.00 11.77 4.65
N ASN B 447 -9.99 11.63 5.50
CA ASN B 447 -10.17 11.91 6.93
C ASN B 447 -10.43 13.40 7.28
N PRO B 448 -9.79 14.34 6.56
CA PRO B 448 -10.23 15.70 6.81
C PRO B 448 -11.64 15.96 6.31
N LEU B 449 -12.08 15.27 5.27
CA LEU B 449 -13.45 15.47 4.83
C LEU B 449 -14.41 14.94 5.89
N VAL B 450 -14.15 13.73 6.39
CA VAL B 450 -15.04 13.14 7.38
C VAL B 450 -15.03 13.99 8.63
N ALA B 451 -13.86 14.50 9.00
CA ALA B 451 -13.76 15.39 10.15
C ALA B 451 -14.64 16.61 9.98
N THR B 452 -14.47 17.31 8.86
CA THR B 452 -15.17 18.57 8.61
C THR B 452 -16.70 18.39 8.50
N LEU B 453 -17.13 17.28 7.91
CA LEU B 453 -18.56 16.95 7.90
C LEU B 453 -19.03 16.62 9.30
N SER B 454 -18.14 16.08 10.12
CA SER B 454 -18.48 15.80 11.50
C SER B 454 -18.54 17.09 12.31
N ASP B 455 -17.82 18.11 11.85
CA ASP B 455 -17.89 19.47 12.42
C ASP B 455 -19.29 20.03 12.18
N VAL B 456 -19.72 20.01 10.92
CA VAL B 456 -21.06 20.49 10.61
C VAL B 456 -22.19 19.70 11.32
N THR B 457 -22.28 18.40 11.06
CA THR B 457 -23.36 17.61 11.64
C THR B 457 -23.31 17.64 13.15
N GLY B 458 -22.11 17.42 13.69
CA GLY B 458 -21.92 17.49 15.12
C GLY B 458 -22.54 18.75 15.68
N LEU B 459 -22.18 19.90 15.11
CA LEU B 459 -22.73 21.19 15.55
C LEU B 459 -24.25 21.26 15.49
N LEU B 460 -24.85 20.76 14.42
CA LEU B 460 -26.32 20.79 14.33
C LEU B 460 -26.98 19.91 15.41
N ILE B 461 -26.51 18.67 15.53
CA ILE B 461 -26.87 17.79 16.64
C ILE B 461 -26.84 18.51 18.01
N TYR B 462 -25.67 18.98 18.40
CA TYR B 462 -25.42 19.58 19.72
C TYR B 462 -26.26 20.82 20.00
N LEU B 463 -26.31 21.76 19.05
CA LEU B 463 -27.00 23.00 19.35
C LEU B 463 -28.52 22.85 19.21
N SER B 464 -28.97 21.84 18.47
CA SER B 464 -30.39 21.52 18.55
C SER B 464 -30.73 20.91 19.91
N VAL B 465 -29.88 20.01 20.39
CA VAL B 465 -30.08 19.37 21.69
C VAL B 465 -30.04 20.42 22.82
N ALA B 466 -29.23 21.46 22.61
CA ALA B 466 -29.17 22.57 23.54
C ALA B 466 -30.44 23.44 23.47
N ARG B 467 -30.96 23.66 22.25
CA ARG B 467 -32.22 24.38 22.06
C ARG B 467 -33.40 23.67 22.74
N LEU B 468 -33.43 22.35 22.64
CA LEU B 468 -34.53 21.58 23.22
C LEU B 468 -34.38 21.47 24.74
N LEU B 469 -33.19 21.12 25.20
CA LEU B 469 -32.99 20.90 26.63
C LEU B 469 -32.78 22.19 27.42
N LEU B 470 -32.73 23.34 26.74
CA LEU B 470 -32.71 24.62 27.44
C LEU B 470 -34.12 25.19 27.61
N GLU B 471 -35.01 24.79 26.71
CA GLU B 471 -36.36 25.33 26.68
C GLU B 471 -37.20 24.79 27.83
PG ATP C . 19.81 -11.57 -17.21
O1G ATP C . 20.60 -12.03 -18.40
O2G ATP C . 19.68 -10.07 -17.03
O3G ATP C . 20.20 -12.33 -15.97
PB ATP C . 17.06 -11.85 -16.45
O1B ATP C . 15.92 -12.76 -16.89
O2B ATP C . 16.85 -10.35 -16.26
O3B ATP C . 18.29 -12.04 -17.50
PA ATP C . 17.46 -14.04 -14.75
O1A ATP C . 17.90 -14.75 -16.00
O2A ATP C . 16.14 -14.33 -14.07
O3A ATP C . 17.62 -12.47 -15.08
O5' ATP C . 18.64 -14.28 -13.70
C5' ATP C . 18.55 -13.78 -12.40
C4' ATP C . 19.80 -12.94 -12.35
O4' ATP C . 19.82 -12.29 -11.10
C3' ATP C . 21.06 -13.78 -12.44
O3' ATP C . 21.99 -13.05 -13.23
C2' ATP C . 21.57 -13.93 -11.02
O2' ATP C . 22.96 -13.65 -10.91
C1' ATP C . 20.88 -12.81 -10.29
N9 ATP C . 20.33 -13.18 -8.96
C8 ATP C . 19.17 -13.82 -8.67
N7 ATP C . 18.97 -13.93 -7.34
C5 ATP C . 20.03 -13.33 -6.77
C6 ATP C . 20.49 -13.08 -5.40
N6 ATP C . 19.72 -13.53 -4.39
N1 ATP C . 21.66 -12.44 -5.21
C2 ATP C . 22.40 -12.00 -6.24
N3 ATP C . 22.05 -12.18 -7.53
C4 ATP C . 20.92 -12.83 -7.83
MG MG D . -11.30 18.51 13.80
MG MG E . 5.17 -5.52 11.15
MG MG F . 4.59 0.08 8.32
MG MG G . 4.66 -19.86 -1.24
MG MG H . 11.85 -2.74 -8.52
MG MG I . 4.66 -18.18 7.22
MG MG J . 1.87 -21.13 -4.97
MG MG K . 15.27 -4.51 -13.93
PG ATP L . 5.01 -26.17 -10.80
O1G ATP L . 5.53 -27.58 -10.83
O2G ATP L . 4.01 -25.90 -9.70
O3G ATP L . 4.62 -25.68 -12.16
PB ATP L . 6.32 -23.63 -10.33
O1B ATP L . 7.77 -23.20 -10.36
O2B ATP L . 5.43 -23.19 -9.20
O3B ATP L . 6.29 -25.25 -10.40
PA ATP L . 6.48 -22.93 -13.11
O1A ATP L . 7.57 -23.97 -13.19
O2A ATP L . 6.83 -21.49 -13.31
O3A ATP L . 5.66 -23.17 -11.74
O5' ATP L . 5.28 -23.24 -14.11
C5' ATP L . 4.17 -22.35 -14.07
C4' ATP L . 2.92 -23.15 -14.36
O4' ATP L . 1.78 -22.31 -14.37
C3' ATP L . 3.07 -23.78 -15.74
O3' ATP L . 2.78 -25.18 -15.70
C2' ATP L . 2.09 -23.03 -16.63
O2' ATP L . 1.39 -23.92 -17.51
C1' ATP L . 1.13 -22.35 -15.66
N9 ATP L . 0.95 -20.99 -16.20
C8 ATP L . 1.92 -20.08 -16.39
N7 ATP L . 1.45 -18.92 -16.93
C5 ATP L . 0.14 -19.10 -17.11
C6 ATP L . -0.97 -18.27 -17.64
N6 ATP L . -0.72 -17.02 -18.09
N1 ATP L . -2.21 -18.82 -17.66
C2 ATP L . -2.44 -20.07 -17.20
N3 ATP L . -1.49 -20.88 -16.70
C4 ATP L . -0.20 -20.46 -16.64
MG MG M . -1.25 -14.39 -3.95
MG MG N . -5.60 4.91 -11.62
MG MG O . -7.43 3.30 -5.54
MG MG P . 10.42 -4.30 -17.23
MG MG Q . 4.71 2.60 -18.79
#